data_6EU9
#
_entry.id   6EU9
#
_cell.length_a   187.410
_cell.length_b   68.150
_cell.length_c   95.080
_cell.angle_alpha   90.000
_cell.angle_beta   100.750
_cell.angle_gamma   90.000
#
_symmetry.space_group_name_H-M   'C 1 2 1'
#
loop_
_entity.id
_entity.type
_entity.pdbx_description
1 polymer 'Retinoic acid receptor'
2 non-polymer 'RETINOIC ACID'
3 water water
#
_entity_poly.entity_id   1
_entity_poly.type   'polypeptide(L)'
_entity_poly.pdbx_seq_one_letter_code
;GSELTEDEEEMVEKILKAHEETFPYLTDDDKYRLTQEELEKGNVILWERVSELSTKAIANVVDFGKQVPVFTQLSTNDQI
TLLKAACLEIIILRLASRYDDKEDTMSFSNGLTLTQQQLEVGGFGTLTPTIFKFARSLVELSVDTAEYAMLSLICLISGD
RSGLEHPEKVEQKQEPILETLKHYVRKRRPDSPHSFAKLLLKLTDLRSLSVKGAERVLQLRMEMPGELPPLILEMLDRTE
N
;
_entity_poly.pdbx_strand_id   A,B,C,D
#
# COMPACT_ATOMS: atom_id res chain seq x y z
N GLU A 3 -4.83 -28.77 14.48
CA GLU A 3 -4.33 -27.94 15.59
C GLU A 3 -3.93 -28.83 16.74
N LEU A 4 -2.79 -29.49 16.67
CA LEU A 4 -2.22 -30.13 17.84
C LEU A 4 -3.13 -31.31 18.22
N THR A 5 -3.78 -31.21 19.39
CA THR A 5 -4.59 -32.28 19.88
C THR A 5 -5.63 -32.67 18.85
N GLU A 6 -6.18 -33.88 19.05
CA GLU A 6 -7.23 -34.32 18.16
C GLU A 6 -8.50 -33.51 18.49
N ASP A 7 -8.68 -33.10 19.75
CA ASP A 7 -9.78 -32.28 20.16
C ASP A 7 -9.75 -30.97 19.44
N GLU A 8 -8.58 -30.37 19.37
CA GLU A 8 -8.49 -29.06 18.73
C GLU A 8 -8.89 -29.17 17.26
N GLU A 9 -8.35 -30.17 16.55
CA GLU A 9 -8.63 -30.27 15.13
C GLU A 9 -10.13 -30.45 14.97
N GLU A 10 -10.71 -31.17 15.95
CA GLU A 10 -12.14 -31.39 15.95
C GLU A 10 -12.87 -30.06 16.11
N MET A 11 -12.34 -29.21 16.98
CA MET A 11 -12.92 -27.95 17.36
C MET A 11 -12.90 -26.99 16.21
N VAL A 12 -11.80 -26.94 15.51
CA VAL A 12 -11.75 -26.17 14.30
C VAL A 12 -12.88 -26.59 13.38
N GLU A 13 -13.01 -27.89 13.15
CA GLU A 13 -14.00 -28.40 12.20
C GLU A 13 -15.42 -28.03 12.59
N LYS A 14 -15.70 -28.13 13.86
CA LYS A 14 -16.98 -27.77 14.42
C LYS A 14 -17.27 -26.30 14.24
N ILE A 15 -16.30 -25.46 14.62
CA ILE A 15 -16.53 -24.02 14.58
C ILE A 15 -16.63 -23.61 13.10
N LEU A 16 -15.72 -24.11 12.27
CA LEU A 16 -15.75 -23.83 10.84
C LEU A 16 -17.07 -24.22 10.21
N LYS A 17 -17.56 -25.42 10.59
CA LYS A 17 -18.75 -25.96 10.01
C LYS A 17 -19.93 -25.06 10.31
N ALA A 18 -19.96 -24.54 11.53
CA ALA A 18 -21.08 -23.73 12.00
C ALA A 18 -21.12 -22.41 11.26
N HIS A 19 -19.94 -21.90 10.92
CA HIS A 19 -19.78 -20.67 10.17
C HIS A 19 -20.32 -20.89 8.80
N GLU A 20 -19.83 -21.94 8.15
CA GLU A 20 -20.26 -22.26 6.78
C GLU A 20 -21.75 -22.50 6.68
N GLU A 21 -22.30 -23.15 7.68
CA GLU A 21 -23.72 -23.37 7.80
C GLU A 21 -24.49 -22.07 7.90
N THR A 22 -23.88 -21.05 8.48
CA THR A 22 -24.54 -19.75 8.69
C THR A 22 -23.92 -18.63 7.88
N PHE A 23 -22.87 -18.90 7.15
CA PHE A 23 -22.27 -17.81 6.31
C PHE A 23 -21.84 -18.35 4.99
N PRO A 24 -22.80 -18.51 4.05
CA PRO A 24 -22.49 -19.14 2.76
C PRO A 24 -21.44 -18.50 1.91
N TYR A 25 -20.67 -19.31 1.19
CA TYR A 25 -19.57 -18.87 0.32
C TYR A 25 -20.06 -17.98 -0.84
N LEU A 26 -19.18 -17.12 -1.32
CA LEU A 26 -19.57 -16.11 -2.32
C LEU A 26 -18.57 -16.01 -3.48
N THR A 27 -19.01 -15.37 -4.57
CA THR A 27 -18.53 -15.43 -5.98
C THR A 27 -19.30 -16.52 -6.71
N ASP A 28 -20.19 -17.21 -5.98
CA ASP A 28 -20.95 -18.29 -6.50
C ASP A 28 -22.31 -18.13 -5.83
N ASP A 29 -23.34 -17.97 -6.66
CA ASP A 29 -24.40 -17.00 -6.47
C ASP A 29 -23.72 -15.65 -6.53
N ASP A 30 -22.98 -15.45 -7.63
CA ASP A 30 -22.08 -14.33 -7.83
C ASP A 30 -22.67 -12.96 -7.50
N LYS A 31 -21.78 -12.08 -7.08
CA LYS A 31 -22.12 -10.75 -6.69
C LYS A 31 -22.36 -9.80 -7.88
N TYR A 32 -23.22 -8.83 -7.68
CA TYR A 32 -23.63 -7.94 -8.77
C TYR A 32 -23.74 -6.50 -8.34
N ARG A 33 -23.42 -5.57 -9.22
CA ARG A 33 -23.53 -4.13 -8.90
C ARG A 33 -24.73 -3.52 -9.60
N LEU A 34 -25.73 -3.04 -8.83
CA LEU A 34 -26.85 -2.27 -9.44
C LEU A 34 -26.42 -0.95 -10.10
N THR A 35 -27.31 -0.22 -10.75
CA THR A 35 -26.94 1.01 -11.48
C THR A 35 -27.80 2.26 -11.24
N GLN A 36 -27.11 3.39 -11.06
CA GLN A 36 -27.65 4.77 -11.07
C GLN A 36 -26.66 5.73 -11.76
N ILE A 45 -29.43 6.67 -1.85
CA ILE A 45 -30.33 5.80 -2.56
C ILE A 45 -30.27 4.38 -1.92
N LEU A 46 -29.06 3.82 -1.85
CA LEU A 46 -28.79 2.39 -1.53
C LEU A 46 -29.19 1.88 -0.12
N TRP A 47 -29.24 2.78 0.84
CA TRP A 47 -29.36 2.42 2.25
C TRP A 47 -30.47 1.43 2.57
N GLU A 48 -31.63 1.60 1.98
CA GLU A 48 -32.77 0.70 2.23
C GLU A 48 -32.38 -0.75 1.89
N ARG A 49 -31.66 -0.91 0.78
CA ARG A 49 -31.08 -2.17 0.35
C ARG A 49 -30.16 -2.74 1.43
N VAL A 50 -29.27 -1.88 1.94
CA VAL A 50 -28.38 -2.25 3.02
C VAL A 50 -29.18 -2.64 4.28
N SER A 51 -30.08 -1.79 4.71
CA SER A 51 -30.77 -1.93 5.99
C SER A 51 -31.64 -3.16 6.04
N GLU A 52 -32.28 -3.53 4.94
CA GLU A 52 -33.13 -4.74 4.91
C GLU A 52 -32.30 -5.99 5.21
N LEU A 53 -31.15 -6.08 4.52
CA LEU A 53 -30.17 -7.09 4.72
C LEU A 53 -29.58 -7.27 6.09
N SER A 54 -29.73 -6.24 6.91
CA SER A 54 -29.40 -6.31 8.32
C SER A 54 -30.13 -7.41 9.04
N THR A 55 -31.40 -7.59 8.71
CA THR A 55 -32.24 -8.54 9.42
C THR A 55 -31.68 -9.95 9.32
N LYS A 56 -31.34 -10.34 8.10
CA LYS A 56 -30.79 -11.66 7.85
C LYS A 56 -29.43 -11.79 8.56
N ALA A 57 -28.66 -10.71 8.45
CA ALA A 57 -27.29 -10.64 8.91
C ALA A 57 -27.20 -10.92 10.38
N ILE A 58 -28.10 -10.27 11.13
CA ILE A 58 -28.31 -10.55 12.55
C ILE A 58 -28.79 -11.99 12.71
N ALA A 59 -29.65 -12.37 11.79
CA ALA A 59 -30.44 -13.56 11.98
C ALA A 59 -29.45 -14.70 11.94
N ASN A 60 -28.47 -14.61 11.02
CA ASN A 60 -27.52 -15.69 10.88
C ASN A 60 -26.57 -15.80 12.04
N VAL A 61 -26.21 -14.68 12.66
CA VAL A 61 -25.32 -14.70 13.80
C VAL A 61 -25.97 -15.43 14.96
N VAL A 62 -27.28 -15.28 15.11
CA VAL A 62 -28.04 -16.02 16.14
C VAL A 62 -27.91 -17.51 15.88
N ASP A 63 -28.09 -17.92 14.61
CA ASP A 63 -27.96 -19.29 14.21
C ASP A 63 -26.57 -19.80 14.51
N PHE A 64 -25.57 -18.94 14.28
CA PHE A 64 -24.19 -19.30 14.50
C PHE A 64 -24.02 -19.74 15.94
N GLY A 65 -24.58 -18.96 16.86
CA GLY A 65 -24.57 -19.27 18.26
C GLY A 65 -25.32 -20.56 18.54
N LYS A 66 -26.47 -20.74 17.85
CA LYS A 66 -27.32 -21.87 18.08
C LYS A 66 -26.56 -23.16 17.89
N GLN A 67 -25.67 -23.15 16.89
CA GLN A 67 -25.09 -24.32 16.36
C GLN A 67 -23.75 -24.69 16.94
N VAL A 68 -23.30 -23.98 17.95
CA VAL A 68 -21.86 -24.00 18.22
C VAL A 68 -21.63 -24.69 19.54
N PRO A 69 -20.48 -25.43 19.67
CA PRO A 69 -20.06 -26.01 20.94
C PRO A 69 -20.14 -25.02 22.07
N VAL A 70 -20.48 -25.53 23.25
CA VAL A 70 -20.29 -24.82 24.51
C VAL A 70 -21.24 -23.67 24.75
N PHE A 71 -21.51 -22.88 23.70
CA PHE A 71 -22.34 -21.70 23.88
C PHE A 71 -23.72 -22.05 24.47
N THR A 72 -24.26 -23.10 23.93
CA THR A 72 -25.48 -23.76 24.37
C THR A 72 -25.45 -24.25 25.80
N GLN A 73 -24.30 -24.56 26.32
CA GLN A 73 -24.15 -24.99 27.73
C GLN A 73 -24.55 -23.95 28.74
N LEU A 74 -24.46 -22.66 28.42
CA LEU A 74 -24.55 -21.62 29.47
C LEU A 74 -25.98 -21.26 29.62
N SER A 75 -26.30 -20.41 30.61
CA SER A 75 -27.65 -19.95 30.88
C SER A 75 -28.25 -19.40 29.61
N THR A 76 -29.59 -19.52 29.48
CA THR A 76 -30.33 -18.84 28.45
C THR A 76 -30.04 -17.32 28.52
N ASN A 77 -29.91 -16.80 29.74
CA ASN A 77 -29.71 -15.40 29.95
C ASN A 77 -28.37 -14.91 29.37
N ASP A 78 -27.34 -15.64 29.75
CA ASP A 78 -26.00 -15.34 29.37
C ASP A 78 -25.83 -15.49 27.87
N GLN A 79 -26.50 -16.51 27.29
CA GLN A 79 -26.57 -16.59 25.83
C GLN A 79 -27.09 -15.32 25.20
N ILE A 80 -28.21 -14.80 25.81
CA ILE A 80 -28.86 -13.60 25.32
C ILE A 80 -27.96 -12.38 25.48
N THR A 81 -27.42 -12.21 26.67
CA THR A 81 -26.48 -11.15 27.02
C THR A 81 -25.30 -11.13 26.08
N LEU A 82 -24.67 -12.28 25.83
CA LEU A 82 -23.46 -12.36 24.99
C LEU A 82 -23.79 -12.11 23.56
N LEU A 83 -24.94 -12.59 23.11
CA LEU A 83 -25.35 -12.42 21.72
C LEU A 83 -25.65 -10.95 21.44
N LYS A 84 -26.35 -10.27 22.39
CA LYS A 84 -26.63 -8.88 22.18
C LYS A 84 -25.33 -8.10 22.07
N ALA A 85 -24.42 -8.38 23.00
CA ALA A 85 -23.13 -7.71 23.13
C ALA A 85 -22.23 -7.92 21.92
N ALA A 86 -22.32 -9.07 21.28
CA ALA A 86 -21.29 -9.50 20.30
C ALA A 86 -21.77 -9.40 18.88
N CYS A 87 -23.04 -9.10 18.71
CA CYS A 87 -23.70 -9.22 17.44
C CYS A 87 -23.05 -8.30 16.39
N LEU A 88 -22.76 -7.05 16.74
CA LEU A 88 -22.23 -6.14 15.82
C LEU A 88 -20.79 -6.42 15.45
N GLU A 89 -20.01 -6.83 16.45
CA GLU A 89 -18.65 -7.27 16.21
C GLU A 89 -18.62 -8.42 15.24
N ILE A 90 -19.48 -9.45 15.39
CA ILE A 90 -19.42 -10.61 14.52
C ILE A 90 -19.81 -10.21 13.07
N ILE A 91 -20.82 -9.38 12.93
CA ILE A 91 -21.29 -8.92 11.62
C ILE A 91 -20.23 -8.10 10.92
N ILE A 92 -19.52 -7.25 11.66
CA ILE A 92 -18.48 -6.52 11.05
C ILE A 92 -17.38 -7.47 10.60
N LEU A 93 -17.04 -8.43 11.43
CA LEU A 93 -16.00 -9.40 11.11
C LEU A 93 -16.38 -10.21 9.90
N ARG A 94 -17.65 -10.58 9.80
CA ARG A 94 -18.16 -11.36 8.71
C ARG A 94 -18.09 -10.56 7.42
N LEU A 95 -18.45 -9.31 7.52
CA LEU A 95 -18.50 -8.44 6.39
C LEU A 95 -17.06 -8.24 5.90
N ALA A 96 -16.11 -8.20 6.82
CA ALA A 96 -14.72 -8.13 6.46
C ALA A 96 -14.23 -9.33 5.72
N SER A 97 -14.76 -10.48 6.04
CA SER A 97 -14.31 -11.74 5.40
C SER A 97 -14.52 -11.67 3.89
N ARG A 98 -15.54 -10.92 3.48
CA ARG A 98 -15.96 -10.85 2.10
C ARG A 98 -15.41 -9.64 1.37
N TYR A 99 -14.57 -8.86 2.07
CA TYR A 99 -13.90 -7.75 1.45
C TYR A 99 -13.01 -8.32 0.35
N ASP A 100 -13.08 -7.66 -0.82
CA ASP A 100 -12.32 -8.05 -1.95
C ASP A 100 -11.26 -6.99 -2.19
N ASP A 101 -10.08 -7.52 -2.22
CA ASP A 101 -8.85 -6.81 -2.17
C ASP A 101 -8.52 -6.20 -3.48
N LYS A 102 -8.74 -6.95 -4.56
CA LYS A 102 -8.45 -6.45 -5.94
C LYS A 102 -9.36 -5.27 -6.25
N GLU A 103 -10.66 -5.47 -6.11
CA GLU A 103 -11.69 -4.54 -6.49
C GLU A 103 -12.13 -3.55 -5.41
N ASP A 104 -11.64 -3.69 -4.20
CA ASP A 104 -12.05 -2.86 -3.06
C ASP A 104 -13.59 -2.88 -2.80
N THR A 105 -14.14 -4.09 -2.76
CA THR A 105 -15.60 -4.20 -2.52
C THR A 105 -15.99 -5.00 -1.27
N MET A 106 -17.15 -4.66 -0.74
CA MET A 106 -17.73 -5.56 0.29
C MET A 106 -19.03 -6.08 -0.21
N SER A 107 -19.30 -7.32 0.10
CA SER A 107 -20.40 -8.02 -0.56
C SER A 107 -21.29 -8.62 0.52
N PHE A 108 -22.57 -8.75 0.23
CA PHE A 108 -23.56 -9.08 1.24
C PHE A 108 -24.07 -10.47 1.00
N SER A 109 -25.00 -10.94 1.81
CA SER A 109 -25.61 -12.27 1.70
C SER A 109 -26.00 -12.61 0.26
N ASN A 110 -27.04 -11.92 -0.20
CA ASN A 110 -27.51 -12.00 -1.60
C ASN A 110 -26.42 -12.14 -2.67
N GLY A 111 -25.37 -11.33 -2.58
CA GLY A 111 -24.40 -11.17 -3.68
C GLY A 111 -24.17 -9.70 -3.99
N LEU A 112 -25.03 -8.81 -3.49
CA LEU A 112 -24.88 -7.38 -3.72
C LEU A 112 -23.48 -6.91 -3.31
N THR A 113 -22.77 -6.28 -4.22
CA THR A 113 -21.36 -5.96 -4.08
C THR A 113 -21.20 -4.48 -4.32
N LEU A 114 -20.40 -3.79 -3.50
CA LEU A 114 -20.30 -2.36 -3.49
C LEU A 114 -18.93 -1.82 -3.31
N THR A 115 -18.78 -0.55 -3.55
CA THR A 115 -17.52 0.16 -3.54
C THR A 115 -17.48 1.12 -2.38
N GLN A 116 -16.28 1.60 -2.07
CA GLN A 116 -16.11 2.35 -0.85
C GLN A 116 -17.03 3.58 -0.87
N GLN A 117 -17.02 4.30 -2.01
CA GLN A 117 -17.80 5.54 -2.17
C GLN A 117 -19.30 5.26 -2.06
N GLN A 118 -19.70 4.18 -2.69
CA GLN A 118 -21.10 3.76 -2.67
C GLN A 118 -21.58 3.57 -1.25
N LEU A 119 -20.76 2.93 -0.44
CA LEU A 119 -21.13 2.74 0.95
C LEU A 119 -21.20 4.03 1.76
N GLU A 120 -20.37 4.98 1.38
CA GLU A 120 -20.30 6.29 2.10
C GLU A 120 -21.62 6.98 1.97
N VAL A 121 -22.14 6.96 0.74
CA VAL A 121 -23.50 7.41 0.43
C VAL A 121 -24.50 6.44 1.02
N GLY A 122 -24.21 5.14 0.92
CA GLY A 122 -25.01 4.09 1.56
C GLY A 122 -24.87 4.19 3.07
N GLY A 123 -25.27 3.13 3.74
CA GLY A 123 -25.27 3.05 5.21
C GLY A 123 -24.07 3.52 6.03
N PHE A 124 -22.87 3.36 5.53
CA PHE A 124 -21.66 3.41 6.32
C PHE A 124 -21.26 4.83 6.76
N GLY A 125 -21.34 5.80 5.83
CA GLY A 125 -20.95 7.16 6.14
C GLY A 125 -19.52 7.33 6.62
N THR A 126 -19.34 7.91 7.81
CA THR A 126 -17.97 8.27 8.26
C THR A 126 -17.16 7.06 8.74
N LEU A 127 -17.85 5.95 9.02
CA LEU A 127 -17.19 4.74 9.48
C LEU A 127 -16.49 4.02 8.35
N THR A 128 -17.07 4.09 7.16
CA THR A 128 -16.61 3.40 5.95
C THR A 128 -15.08 3.36 5.73
N PRO A 129 -14.42 4.51 5.91
CA PRO A 129 -12.97 4.40 5.82
C PRO A 129 -12.38 3.48 6.86
N THR A 130 -12.82 3.60 8.09
CA THR A 130 -12.25 2.80 9.19
C THR A 130 -12.58 1.30 9.07
N ILE A 131 -13.74 1.00 8.48
CA ILE A 131 -14.11 -0.38 8.22
C ILE A 131 -13.23 -1.04 7.18
N PHE A 132 -12.98 -0.30 6.11
CA PHE A 132 -12.19 -0.78 5.02
C PHE A 132 -10.74 -0.89 5.40
N LYS A 133 -10.25 0.03 6.24
CA LYS A 133 -8.90 -0.06 6.76
C LYS A 133 -8.73 -1.41 7.47
N PHE A 134 -9.70 -1.74 8.33
CA PHE A 134 -9.66 -2.91 9.16
C PHE A 134 -9.64 -4.13 8.29
N ALA A 135 -10.55 -4.17 7.32
CA ALA A 135 -10.69 -5.33 6.47
C ALA A 135 -9.47 -5.57 5.65
N ARG A 136 -8.82 -4.45 5.24
CA ARG A 136 -7.56 -4.49 4.57
C ARG A 136 -6.52 -5.14 5.50
N SER A 137 -6.52 -4.76 6.77
CA SER A 137 -5.63 -5.28 7.75
C SER A 137 -5.78 -6.83 7.93
N LEU A 138 -7.00 -7.34 7.81
CA LEU A 138 -7.16 -8.76 7.93
C LEU A 138 -6.66 -9.54 6.75
N VAL A 139 -6.84 -9.00 5.55
CA VAL A 139 -6.29 -9.63 4.35
C VAL A 139 -4.74 -9.67 4.39
N GLU A 140 -4.11 -8.61 4.92
CA GLU A 140 -2.66 -8.58 5.12
C GLU A 140 -2.18 -9.71 5.99
N LEU A 141 -2.89 -9.97 7.07
CA LEU A 141 -2.51 -11.04 8.00
C LEU A 141 -2.82 -12.41 7.45
N SER A 142 -3.52 -12.47 6.30
CA SER A 142 -3.77 -13.70 5.54
C SER A 142 -4.73 -14.61 6.25
N VAL A 143 -5.69 -14.00 6.95
CA VAL A 143 -6.70 -14.64 7.74
C VAL A 143 -7.63 -15.55 6.96
N ASP A 144 -7.88 -16.76 7.43
CA ASP A 144 -8.70 -17.72 6.66
C ASP A 144 -10.08 -18.00 7.28
N THR A 145 -10.93 -18.70 6.58
CA THR A 145 -12.31 -18.86 7.02
C THR A 145 -12.40 -19.42 8.44
N ALA A 146 -11.57 -20.40 8.76
CA ALA A 146 -11.60 -21.03 10.05
C ALA A 146 -11.18 -20.06 11.14
N GLU A 147 -10.13 -19.27 10.86
CA GLU A 147 -9.69 -18.27 11.83
C GLU A 147 -10.78 -17.23 12.04
N TYR A 148 -11.51 -16.89 10.99
CA TYR A 148 -12.69 -16.01 11.13
C TYR A 148 -13.74 -16.60 12.02
N ALA A 149 -14.04 -17.88 11.83
CA ALA A 149 -15.04 -18.52 12.65
C ALA A 149 -14.60 -18.55 14.11
N MET A 150 -13.39 -18.95 14.42
CA MET A 150 -12.87 -18.92 15.80
C MET A 150 -12.93 -17.57 16.47
N LEU A 151 -12.54 -16.50 15.73
CA LEU A 151 -12.60 -15.14 16.27
C LEU A 151 -14.03 -14.74 16.57
N SER A 152 -14.97 -15.17 15.76
CA SER A 152 -16.37 -14.87 16.06
C SER A 152 -16.81 -15.51 17.36
N LEU A 153 -16.48 -16.78 17.60
CA LEU A 153 -16.86 -17.43 18.85
C LEU A 153 -16.16 -16.80 20.02
N ILE A 154 -14.90 -16.42 19.83
CA ILE A 154 -14.12 -15.77 20.88
C ILE A 154 -14.74 -14.45 21.26
N CYS A 155 -15.26 -13.75 20.25
CA CYS A 155 -16.03 -12.52 20.49
C CYS A 155 -17.26 -12.81 21.26
N LEU A 156 -17.95 -13.82 20.79
CA LEU A 156 -19.17 -14.32 21.39
C LEU A 156 -18.93 -14.74 22.78
N ILE A 157 -17.94 -15.59 23.00
CA ILE A 157 -17.73 -16.13 24.36
C ILE A 157 -16.77 -15.27 25.13
N SER A 158 -17.28 -14.16 25.61
CA SER A 158 -16.36 -13.14 26.12
C SER A 158 -16.81 -12.82 27.51
N GLY A 159 -15.95 -13.04 28.49
CA GLY A 159 -16.34 -12.96 29.92
C GLY A 159 -16.48 -11.55 30.43
N ASP A 160 -15.91 -10.59 29.67
CA ASP A 160 -15.95 -9.19 30.08
C ASP A 160 -17.34 -8.48 29.91
N ARG A 161 -18.24 -9.07 29.09
CA ARG A 161 -19.51 -8.41 28.81
C ARG A 161 -20.23 -8.14 30.09
N SER A 162 -20.86 -6.97 30.15
CA SER A 162 -21.67 -6.53 31.29
C SER A 162 -22.89 -7.41 31.62
N GLY A 163 -23.10 -7.69 32.91
CA GLY A 163 -24.35 -8.25 33.40
C GLY A 163 -24.52 -9.75 33.22
N LEU A 164 -23.41 -10.47 33.23
CA LEU A 164 -23.47 -11.90 33.08
C LEU A 164 -23.76 -12.58 34.40
N GLU A 165 -24.54 -13.65 34.33
CA GLU A 165 -24.80 -14.48 35.50
C GLU A 165 -23.57 -15.19 35.99
N HIS A 166 -22.84 -15.82 35.07
CA HIS A 166 -21.66 -16.61 35.47
C HIS A 166 -20.48 -16.24 34.59
N PRO A 167 -19.90 -15.05 34.82
CA PRO A 167 -18.85 -14.61 33.94
C PRO A 167 -17.58 -15.51 34.02
N GLU A 168 -17.34 -16.10 35.19
CA GLU A 168 -16.23 -17.02 35.38
C GLU A 168 -16.32 -18.23 34.44
N LYS A 169 -17.54 -18.76 34.22
CA LYS A 169 -17.70 -19.89 33.34
C LYS A 169 -17.48 -19.48 31.92
N VAL A 170 -18.11 -18.37 31.50
CA VAL A 170 -17.94 -17.85 30.14
C VAL A 170 -16.46 -17.75 29.83
N GLU A 171 -15.69 -17.28 30.80
CA GLU A 171 -14.25 -17.18 30.65
C GLU A 171 -13.54 -18.51 30.48
N GLN A 172 -14.02 -19.51 31.22
CA GLN A 172 -13.42 -20.86 31.23
C GLN A 172 -13.75 -21.50 29.94
N LYS A 173 -14.99 -21.37 29.53
CA LYS A 173 -15.39 -21.83 28.19
C LYS A 173 -14.64 -21.18 27.04
N GLN A 174 -14.17 -19.99 27.19
CA GLN A 174 -13.39 -19.26 26.17
C GLN A 174 -12.00 -19.85 26.03
N GLU A 175 -11.37 -20.17 27.13
CA GLU A 175 -9.89 -20.50 27.10
C GLU A 175 -9.44 -21.61 26.14
N PRO A 176 -10.15 -22.75 26.06
CA PRO A 176 -9.70 -23.73 25.06
C PRO A 176 -9.74 -23.19 23.63
N ILE A 177 -10.72 -22.37 23.27
CA ILE A 177 -10.82 -21.82 21.91
C ILE A 177 -9.66 -20.88 21.60
N LEU A 178 -9.24 -20.15 22.60
CA LEU A 178 -8.07 -19.35 22.51
C LEU A 178 -6.82 -20.16 22.29
N GLU A 179 -6.67 -21.24 23.05
CA GLU A 179 -5.51 -22.08 22.90
C GLU A 179 -5.52 -22.74 21.51
N THR A 180 -6.71 -23.14 21.10
CA THR A 180 -6.92 -23.78 19.81
C THR A 180 -6.61 -22.83 18.69
N LEU A 181 -7.11 -21.58 18.78
CA LEU A 181 -6.79 -20.59 17.76
C LEU A 181 -5.26 -20.39 17.66
N LYS A 182 -4.59 -20.38 18.81
CA LYS A 182 -3.15 -20.21 18.84
C LYS A 182 -2.40 -21.26 18.08
N HIS A 183 -2.72 -22.51 18.34
CA HIS A 183 -2.06 -23.66 17.72
C HIS A 183 -2.40 -23.66 16.27
N TYR A 184 -3.61 -23.32 15.89
CA TYR A 184 -4.00 -23.34 14.48
C TYR A 184 -3.20 -22.25 13.73
N VAL A 185 -3.09 -21.07 14.33
CA VAL A 185 -2.35 -19.98 13.77
C VAL A 185 -0.89 -20.39 13.64
N ARG A 186 -0.37 -21.06 14.67
CA ARG A 186 0.98 -21.63 14.63
C ARG A 186 1.17 -22.63 13.47
N LYS A 187 0.14 -23.45 13.20
CA LYS A 187 0.17 -24.38 12.10
C LYS A 187 0.28 -23.64 10.79
N ARG A 188 -0.52 -22.62 10.61
CA ARG A 188 -0.53 -21.87 9.36
C ARG A 188 0.63 -20.88 9.23
N ARG A 189 1.20 -20.44 10.34
CA ARG A 189 2.23 -19.43 10.33
C ARG A 189 3.41 -19.82 11.20
N PRO A 190 4.20 -20.83 10.76
CA PRO A 190 5.34 -21.27 11.57
C PRO A 190 6.40 -20.19 11.63
N ASP A 191 6.54 -19.42 10.55
CA ASP A 191 7.48 -18.33 10.49
C ASP A 191 7.25 -17.21 11.50
N SER A 192 6.02 -16.74 11.64
CA SER A 192 5.82 -15.52 12.48
C SER A 192 5.04 -15.95 13.68
N PRO A 193 5.69 -15.99 14.84
CA PRO A 193 5.04 -16.44 16.03
C PRO A 193 4.19 -15.35 16.73
N HIS A 194 4.34 -14.09 16.29
CA HIS A 194 3.54 -13.02 16.86
C HIS A 194 2.17 -12.86 16.19
N SER A 195 1.87 -13.65 15.18
CA SER A 195 0.54 -13.63 14.53
C SER A 195 -0.65 -13.85 15.42
N PHE A 196 -0.54 -14.76 16.40
CA PHE A 196 -1.64 -14.96 17.36
C PHE A 196 -1.90 -13.71 18.16
N ALA A 197 -0.85 -13.04 18.65
CA ALA A 197 -0.96 -11.74 19.36
C ALA A 197 -1.56 -10.71 18.46
N LYS A 198 -1.14 -10.69 17.18
CA LYS A 198 -1.66 -9.75 16.21
C LYS A 198 -3.16 -9.97 15.97
N LEU A 199 -3.57 -11.23 15.92
CA LEU A 199 -4.97 -11.57 15.73
C LEU A 199 -5.82 -11.17 16.96
N LEU A 200 -5.27 -11.31 18.17
CA LEU A 200 -5.99 -10.85 19.32
C LEU A 200 -6.22 -9.42 19.36
N LEU A 201 -5.20 -8.63 19.00
CA LEU A 201 -5.33 -7.17 18.95
C LEU A 201 -6.32 -6.71 17.89
N LYS A 202 -6.61 -7.52 16.88
CA LYS A 202 -7.71 -7.20 15.97
C LYS A 202 -9.04 -7.27 16.66
N LEU A 203 -9.16 -8.13 17.71
CA LEU A 203 -10.35 -8.15 18.48
C LEU A 203 -10.54 -6.81 19.20
N THR A 204 -9.45 -6.23 19.67
CA THR A 204 -9.50 -4.93 20.33
C THR A 204 -9.85 -3.79 19.36
N ASP A 205 -9.33 -3.84 18.14
CA ASP A 205 -9.84 -3.02 17.07
C ASP A 205 -11.36 -3.18 16.84
N LEU A 206 -11.83 -4.40 16.70
CA LEU A 206 -13.22 -4.68 16.46
C LEU A 206 -14.20 -4.14 17.58
N ARG A 207 -13.76 -4.15 18.86
CA ARG A 207 -14.51 -3.53 19.92
C ARG A 207 -14.79 -2.07 19.66
N SER A 208 -13.71 -1.33 19.34
CA SER A 208 -13.78 0.09 19.01
C SER A 208 -14.56 0.35 17.79
N LEU A 209 -14.31 -0.42 16.76
CA LEU A 209 -15.08 -0.33 15.54
C LEU A 209 -16.61 -0.59 15.80
N SER A 210 -16.91 -1.57 16.68
CA SER A 210 -18.19 -1.93 16.94
C SER A 210 -18.91 -0.81 17.72
N VAL A 211 -18.21 -0.17 18.65
CA VAL A 211 -18.88 0.85 19.46
C VAL A 211 -19.32 2.03 18.56
N LYS A 212 -18.49 2.39 17.56
CA LYS A 212 -18.83 3.39 16.64
C LYS A 212 -20.00 2.92 15.79
N GLY A 213 -19.98 1.63 15.43
CA GLY A 213 -21.06 1.06 14.61
C GLY A 213 -22.45 1.27 15.20
N ALA A 214 -22.49 1.07 16.53
CA ALA A 214 -23.74 1.09 17.26
C ALA A 214 -24.33 2.48 17.22
N GLU A 215 -23.46 3.50 17.30
CA GLU A 215 -23.88 4.87 17.36
C GLU A 215 -24.63 5.15 16.09
N ARG A 216 -24.08 4.72 14.95
CA ARG A 216 -24.77 4.93 13.71
C ARG A 216 -26.10 4.18 13.60
N VAL A 217 -26.16 3.00 14.19
CA VAL A 217 -27.34 2.12 14.10
C VAL A 217 -28.52 2.78 14.79
N LEU A 218 -28.26 3.42 15.94
CA LEU A 218 -29.31 4.03 16.69
C LEU A 218 -29.94 5.20 15.96
N GLN A 219 -29.14 6.09 15.41
CA GLN A 219 -29.65 7.22 14.61
C GLN A 219 -30.46 6.70 13.40
N LEU A 220 -29.93 5.71 12.73
CA LEU A 220 -30.43 5.33 11.42
C LEU A 220 -31.69 4.52 11.42
N ARG A 221 -31.78 3.58 12.36
CA ARG A 221 -32.90 2.63 12.36
C ARG A 221 -34.14 3.32 12.91
N MET A 222 -34.03 4.04 14.03
CA MET A 222 -35.24 4.70 14.59
C MET A 222 -35.71 5.79 13.63
N GLU A 223 -34.74 6.57 13.13
CA GLU A 223 -35.02 7.68 12.21
C GLU A 223 -35.09 7.05 10.80
N MET A 224 -35.98 6.07 10.75
CA MET A 224 -36.09 5.13 9.67
C MET A 224 -37.56 5.03 9.26
N PRO A 225 -37.80 4.77 7.95
CA PRO A 225 -39.16 4.60 7.43
C PRO A 225 -39.85 3.39 8.05
N GLY A 226 -39.07 2.32 8.18
CA GLY A 226 -39.56 1.04 8.68
C GLY A 226 -38.62 0.48 9.71
N GLU A 227 -39.14 0.31 10.93
CA GLU A 227 -38.40 -0.09 12.13
C GLU A 227 -38.20 -1.61 12.25
N LEU A 228 -38.70 -2.36 11.29
CA LEU A 228 -38.87 -3.81 11.42
C LEU A 228 -37.52 -4.57 11.27
N PRO A 229 -37.42 -5.84 11.66
CA PRO A 229 -38.50 -6.66 12.27
C PRO A 229 -38.25 -7.23 13.71
N PRO A 230 -38.88 -8.39 14.05
CA PRO A 230 -39.07 -8.60 15.50
C PRO A 230 -37.83 -9.12 16.25
N LEU A 231 -37.11 -10.05 15.63
CA LEU A 231 -35.82 -10.51 16.17
C LEU A 231 -34.73 -9.43 16.18
N ILE A 232 -34.72 -8.65 15.12
CA ILE A 232 -33.75 -7.62 14.84
C ILE A 232 -33.77 -6.53 15.89
N LEU A 233 -34.95 -6.17 16.32
CA LEU A 233 -35.11 -5.10 17.30
C LEU A 233 -34.38 -5.43 18.56
N GLU A 234 -34.57 -6.62 19.10
CA GLU A 234 -34.19 -6.98 20.47
C GLU A 234 -32.67 -6.83 20.68
N MET A 235 -31.92 -7.22 19.67
CA MET A 235 -30.48 -7.27 19.75
C MET A 235 -29.86 -5.87 19.84
N LEU A 236 -30.18 -5.04 18.84
CA LEU A 236 -29.64 -3.69 18.71
C LEU A 236 -30.01 -2.85 19.93
N ASP A 237 -31.12 -3.21 20.55
CA ASP A 237 -31.70 -2.49 21.70
C ASP A 237 -30.81 -2.62 22.94
N GLU B 3 6.56 -20.05 -8.43
CA GLU B 3 6.53 -18.56 -8.28
C GLU B 3 5.15 -17.97 -8.46
N LEU B 4 4.19 -18.74 -9.02
CA LEU B 4 2.81 -18.15 -9.17
C LEU B 4 1.85 -18.44 -8.02
N THR B 5 1.75 -17.48 -7.11
CA THR B 5 0.85 -17.51 -6.00
C THR B 5 -0.57 -17.73 -6.50
N GLU B 6 -1.49 -18.07 -5.62
CA GLU B 6 -2.89 -17.93 -5.87
C GLU B 6 -3.24 -16.43 -6.01
N ASP B 7 -2.58 -15.57 -5.23
CA ASP B 7 -2.82 -14.16 -5.26
C ASP B 7 -2.51 -13.59 -6.64
N GLU B 8 -1.38 -14.01 -7.16
CA GLU B 8 -0.94 -13.52 -8.43
C GLU B 8 -1.76 -14.04 -9.62
N GLU B 9 -2.23 -15.25 -9.51
CA GLU B 9 -3.17 -15.80 -10.48
C GLU B 9 -4.42 -14.98 -10.37
N GLU B 10 -4.76 -14.59 -9.16
CA GLU B 10 -5.97 -13.82 -8.92
C GLU B 10 -5.89 -12.48 -9.62
N MET B 11 -4.71 -11.84 -9.54
CA MET B 11 -4.45 -10.54 -10.14
C MET B 11 -4.53 -10.61 -11.64
N VAL B 12 -3.86 -11.60 -12.21
CA VAL B 12 -3.83 -11.74 -13.62
C VAL B 12 -5.23 -11.85 -14.15
N GLU B 13 -6.04 -12.71 -13.54
CA GLU B 13 -7.43 -12.88 -13.96
C GLU B 13 -8.17 -11.53 -13.88
N LYS B 14 -7.95 -10.79 -12.79
CA LYS B 14 -8.64 -9.59 -12.58
C LYS B 14 -8.23 -8.52 -13.59
N ILE B 15 -6.94 -8.40 -13.82
CA ILE B 15 -6.42 -7.45 -14.80
C ILE B 15 -6.91 -7.88 -16.18
N LEU B 16 -6.81 -9.17 -16.48
CA LEU B 16 -7.32 -9.68 -17.76
C LEU B 16 -8.79 -9.44 -17.96
N LYS B 17 -9.56 -9.58 -16.93
CA LYS B 17 -11.00 -9.36 -16.97
C LYS B 17 -11.29 -7.93 -17.36
N ALA B 18 -10.54 -7.03 -16.78
CA ALA B 18 -10.67 -5.60 -17.04
C ALA B 18 -10.31 -5.25 -18.49
N HIS B 19 -9.28 -5.91 -19.01
CA HIS B 19 -8.79 -5.62 -20.33
C HIS B 19 -9.85 -6.07 -21.32
N GLU B 20 -10.30 -7.29 -21.13
CA GLU B 20 -11.22 -7.92 -22.04
C GLU B 20 -12.56 -7.28 -22.05
N GLU B 21 -13.05 -6.87 -20.88
CA GLU B 21 -14.36 -6.22 -20.80
C GLU B 21 -14.32 -4.88 -21.53
N THR B 22 -13.15 -4.24 -21.60
CA THR B 22 -13.01 -2.94 -22.23
C THR B 22 -12.21 -3.01 -23.57
N PHE B 23 -11.69 -4.18 -23.92
CA PHE B 23 -11.14 -4.35 -25.24
C PHE B 23 -11.47 -5.73 -25.74
N PRO B 24 -12.72 -5.98 -26.13
CA PRO B 24 -13.16 -7.32 -26.53
C PRO B 24 -12.41 -7.90 -27.74
N TYR B 25 -12.36 -9.22 -27.83
CA TYR B 25 -11.80 -9.93 -28.99
C TYR B 25 -12.61 -9.67 -30.29
N LEU B 26 -11.97 -9.83 -31.44
CA LEU B 26 -12.57 -9.45 -32.72
C LEU B 26 -12.62 -10.59 -33.73
N THR B 27 -13.44 -10.39 -34.77
CA THR B 27 -13.72 -11.42 -35.83
C THR B 27 -14.04 -12.75 -35.16
N ASP B 28 -15.20 -12.91 -34.54
CA ASP B 28 -16.47 -12.29 -34.82
C ASP B 28 -16.66 -10.85 -34.34
N ASP B 29 -17.84 -10.28 -34.69
CA ASP B 29 -17.96 -8.88 -35.05
C ASP B 29 -16.75 -8.63 -35.97
N ASP B 30 -16.72 -9.42 -37.05
CA ASP B 30 -15.57 -9.60 -37.89
C ASP B 30 -14.89 -8.29 -38.33
N LYS B 31 -13.62 -8.41 -38.66
CA LYS B 31 -12.92 -7.40 -39.39
C LYS B 31 -13.54 -7.24 -40.79
N TYR B 32 -13.39 -6.05 -41.39
CA TYR B 32 -13.68 -5.91 -42.80
C TYR B 32 -12.64 -5.02 -43.48
N ARG B 33 -12.59 -5.10 -44.80
CA ARG B 33 -11.60 -4.35 -45.57
C ARG B 33 -12.22 -3.37 -46.52
N LEU B 34 -11.80 -2.10 -46.49
CA LEU B 34 -11.96 -1.18 -47.63
C LEU B 34 -10.94 -1.53 -48.75
N THR B 35 -11.21 -1.03 -49.95
CA THR B 35 -10.23 -0.97 -51.04
C THR B 35 -10.31 0.46 -51.56
N GLN B 36 -9.31 0.90 -52.34
CA GLN B 36 -9.38 2.26 -52.90
C GLN B 36 -10.01 2.39 -54.27
N ILE B 45 -12.58 14.46 -44.46
CA ILE B 45 -13.07 13.24 -43.82
C ILE B 45 -12.02 12.65 -42.87
N LEU B 46 -10.74 12.61 -43.28
CA LEU B 46 -9.68 11.86 -42.54
C LEU B 46 -9.59 12.26 -41.09
N TRP B 47 -9.49 13.56 -40.83
CA TRP B 47 -9.43 14.08 -39.47
C TRP B 47 -10.68 13.62 -38.76
N GLU B 48 -11.81 13.63 -39.47
CA GLU B 48 -13.06 13.20 -38.85
C GLU B 48 -12.99 11.72 -38.47
N ARG B 49 -12.36 10.94 -39.35
CA ARG B 49 -12.24 9.49 -39.18
C ARG B 49 -11.43 9.20 -37.92
N VAL B 50 -10.28 9.89 -37.81
CA VAL B 50 -9.37 9.73 -36.72
C VAL B 50 -10.01 10.03 -35.37
N SER B 51 -10.63 11.20 -35.25
CA SER B 51 -11.14 11.70 -33.97
C SER B 51 -12.21 10.80 -33.39
N GLU B 52 -13.07 10.27 -34.24
CA GLU B 52 -14.18 9.43 -33.85
C GLU B 52 -13.66 8.16 -33.18
N LEU B 53 -12.74 7.48 -33.88
CA LEU B 53 -12.19 6.21 -33.44
C LEU B 53 -11.26 6.40 -32.25
N SER B 54 -10.48 7.49 -32.31
CA SER B 54 -9.62 7.86 -31.18
C SER B 54 -10.45 8.13 -29.92
N THR B 55 -11.58 8.80 -30.13
CA THR B 55 -12.40 9.28 -29.07
C THR B 55 -12.98 8.09 -28.30
N LYS B 56 -13.46 7.11 -29.02
CA LYS B 56 -14.09 5.94 -28.41
C LYS B 56 -12.97 5.16 -27.73
N ALA B 57 -11.79 5.06 -28.40
CA ALA B 57 -10.69 4.26 -27.85
C ALA B 57 -10.27 4.76 -26.47
N ILE B 58 -10.17 6.08 -26.39
CA ILE B 58 -9.88 6.77 -25.13
C ILE B 58 -10.97 6.45 -24.11
N ALA B 59 -12.20 6.35 -24.59
CA ALA B 59 -13.29 6.06 -23.69
C ALA B 59 -13.03 4.69 -23.07
N ASN B 60 -12.51 3.78 -23.88
CA ASN B 60 -12.27 2.44 -23.43
C ASN B 60 -11.14 2.33 -22.43
N VAL B 61 -10.10 3.12 -22.61
CA VAL B 61 -8.98 3.12 -21.65
C VAL B 61 -9.46 3.69 -20.34
N VAL B 62 -10.33 4.70 -20.39
CA VAL B 62 -10.85 5.33 -19.16
C VAL B 62 -11.64 4.29 -18.38
N ASP B 63 -12.47 3.52 -19.09
CA ASP B 63 -13.21 2.42 -18.50
C ASP B 63 -12.24 1.46 -17.79
N PHE B 64 -11.13 1.15 -18.47
CA PHE B 64 -10.17 0.20 -17.97
C PHE B 64 -9.67 0.68 -16.64
N GLY B 65 -9.28 1.96 -16.60
CA GLY B 65 -8.88 2.60 -15.34
C GLY B 65 -9.96 2.42 -14.28
N LYS B 66 -11.22 2.52 -14.69
CA LYS B 66 -12.32 2.43 -13.80
C LYS B 66 -12.35 1.01 -13.19
N GLN B 67 -11.84 0.04 -13.92
CA GLN B 67 -12.18 -1.37 -13.71
C GLN B 67 -11.03 -2.15 -13.20
N VAL B 68 -10.19 -1.54 -12.37
CA VAL B 68 -8.96 -2.21 -11.99
C VAL B 68 -8.75 -2.25 -10.45
N PRO B 69 -8.09 -3.31 -9.91
CA PRO B 69 -7.41 -3.23 -8.62
C PRO B 69 -6.49 -2.02 -8.59
N VAL B 70 -6.36 -1.42 -7.43
CA VAL B 70 -5.19 -0.57 -7.12
C VAL B 70 -5.47 0.83 -7.65
N PHE B 71 -5.77 0.94 -8.95
CA PHE B 71 -5.66 2.21 -9.63
C PHE B 71 -6.60 3.24 -9.02
N THR B 72 -7.83 2.79 -8.75
CA THR B 72 -8.85 3.64 -8.18
C THR B 72 -8.53 4.05 -6.76
N GLN B 73 -7.69 3.27 -6.08
CA GLN B 73 -7.22 3.66 -4.76
C GLN B 73 -6.37 4.90 -4.72
N LEU B 74 -5.99 5.48 -5.88
CA LEU B 74 -5.14 6.64 -5.88
C LEU B 74 -5.97 7.86 -5.78
N SER B 75 -5.39 8.99 -5.39
CA SER B 75 -6.16 10.26 -5.35
C SER B 75 -6.73 10.56 -6.72
N THR B 76 -7.91 11.17 -6.76
CA THR B 76 -8.64 11.40 -8.01
C THR B 76 -7.82 12.24 -8.96
N ASN B 77 -7.07 13.18 -8.44
CA ASN B 77 -6.14 14.02 -9.21
C ASN B 77 -5.05 13.19 -9.84
N ASP B 78 -4.49 12.25 -9.06
CA ASP B 78 -3.49 11.35 -9.57
C ASP B 78 -4.10 10.48 -10.69
N GLN B 79 -5.30 10.00 -10.46
CA GLN B 79 -5.99 9.18 -11.42
C GLN B 79 -6.13 9.85 -12.77
N ILE B 80 -6.57 11.12 -12.73
CA ILE B 80 -6.77 11.92 -13.94
C ILE B 80 -5.43 12.17 -14.63
N THR B 81 -4.42 12.52 -13.84
CA THR B 81 -3.09 12.83 -14.37
C THR B 81 -2.49 11.61 -15.09
N LEU B 82 -2.65 10.43 -14.48
CA LEU B 82 -2.13 9.18 -14.95
C LEU B 82 -2.80 8.75 -16.23
N LEU B 83 -4.13 8.94 -16.31
CA LEU B 83 -4.83 8.62 -17.55
C LEU B 83 -4.42 9.47 -18.73
N LYS B 84 -4.22 10.75 -18.48
CA LYS B 84 -3.85 11.70 -19.50
C LYS B 84 -2.51 11.29 -20.04
N ALA B 85 -1.55 10.96 -19.13
CA ALA B 85 -0.19 10.62 -19.54
C ALA B 85 -0.10 9.32 -20.26
N ALA B 86 -0.87 8.32 -19.86
CA ALA B 86 -0.68 6.92 -20.36
C ALA B 86 -1.62 6.55 -21.48
N CYS B 87 -2.63 7.35 -21.65
CA CYS B 87 -3.76 6.98 -22.48
C CYS B 87 -3.41 6.73 -23.89
N LEU B 88 -2.62 7.61 -24.48
CA LEU B 88 -2.16 7.38 -25.87
C LEU B 88 -1.31 6.10 -25.91
N GLU B 89 -0.48 5.92 -24.91
CA GLU B 89 0.47 4.82 -24.91
C GLU B 89 -0.31 3.49 -24.88
N ILE B 90 -1.36 3.38 -24.06
CA ILE B 90 -2.13 2.17 -24.02
C ILE B 90 -2.82 1.88 -25.34
N ILE B 91 -3.29 2.92 -26.00
CA ILE B 91 -3.95 2.80 -27.31
C ILE B 91 -2.99 2.29 -28.38
N ILE B 92 -1.76 2.74 -28.37
CA ILE B 92 -0.84 2.07 -29.29
C ILE B 92 -0.66 0.62 -28.94
N LEU B 93 -0.42 0.38 -27.68
CA LEU B 93 -0.38 -1.01 -27.16
C LEU B 93 -1.58 -1.83 -27.51
N ARG B 94 -2.78 -1.31 -27.22
CA ARG B 94 -4.02 -2.06 -27.48
C ARG B 94 -4.14 -2.39 -28.97
N LEU B 95 -3.68 -1.42 -29.76
CA LEU B 95 -3.84 -1.49 -31.18
C LEU B 95 -2.92 -2.49 -31.75
N ALA B 96 -1.71 -2.57 -31.20
CA ALA B 96 -0.72 -3.54 -31.58
C ALA B 96 -1.19 -4.97 -31.29
N SER B 97 -2.07 -5.14 -30.30
CA SER B 97 -2.60 -6.44 -30.00
C SER B 97 -3.57 -6.99 -31.03
N ARG B 98 -3.93 -6.16 -32.00
CA ARG B 98 -4.77 -6.57 -33.11
C ARG B 98 -3.98 -6.68 -34.38
N TYR B 99 -2.66 -6.57 -34.30
CA TYR B 99 -1.83 -6.67 -35.50
C TYR B 99 -1.94 -8.09 -35.97
N ASP B 100 -2.14 -8.25 -37.29
CA ASP B 100 -2.30 -9.55 -37.87
C ASP B 100 -1.08 -9.89 -38.67
N ASP B 101 -0.26 -10.76 -38.12
CA ASP B 101 1.03 -11.09 -38.61
C ASP B 101 0.98 -11.67 -40.02
N LYS B 102 0.04 -12.59 -40.21
CA LYS B 102 -0.20 -13.24 -41.51
C LYS B 102 -0.59 -12.23 -42.56
N GLU B 103 -1.63 -11.47 -42.28
CA GLU B 103 -2.19 -10.48 -43.21
C GLU B 103 -1.43 -9.16 -43.34
N ASP B 104 -0.53 -8.89 -42.39
CA ASP B 104 0.17 -7.60 -42.28
C ASP B 104 -0.80 -6.45 -42.01
N THR B 105 -1.92 -6.68 -41.31
CA THR B 105 -2.92 -5.68 -41.05
C THR B 105 -2.89 -5.12 -39.62
N MET B 106 -3.61 -4.02 -39.37
CA MET B 106 -4.05 -3.58 -38.09
C MET B 106 -5.51 -3.36 -38.10
N SER B 107 -6.14 -3.34 -36.91
CA SER B 107 -7.59 -3.26 -36.86
C SER B 107 -8.05 -2.33 -35.78
N PHE B 108 -9.18 -1.66 -36.00
CA PHE B 108 -9.72 -0.77 -35.02
C PHE B 108 -10.96 -1.46 -34.42
N SER B 109 -11.60 -0.83 -33.41
CA SER B 109 -12.60 -1.49 -32.60
C SER B 109 -13.89 -1.77 -33.34
N ASN B 110 -14.10 -1.03 -34.44
CA ASN B 110 -15.27 -1.16 -35.30
C ASN B 110 -15.04 -2.23 -36.33
N GLY B 111 -13.83 -2.80 -36.40
CA GLY B 111 -13.51 -3.96 -37.25
C GLY B 111 -12.73 -3.54 -38.48
N LEU B 112 -12.72 -2.25 -38.78
CA LEU B 112 -11.97 -1.74 -39.94
C LEU B 112 -10.50 -2.19 -39.86
N THR B 113 -10.05 -2.86 -40.90
CA THR B 113 -8.76 -3.52 -40.91
C THR B 113 -7.95 -3.02 -42.08
N LEU B 114 -6.68 -2.68 -41.85
CA LEU B 114 -5.93 -1.95 -42.92
C LEU B 114 -4.52 -2.43 -43.09
N THR B 115 -4.09 -2.54 -44.34
CA THR B 115 -2.74 -2.98 -44.64
C THR B 115 -1.79 -1.91 -44.19
N GLN B 116 -0.52 -2.28 -44.07
CA GLN B 116 0.49 -1.30 -43.74
C GLN B 116 0.50 -0.21 -44.81
N GLN B 117 0.41 -0.61 -46.09
CA GLN B 117 0.48 0.26 -47.26
C GLN B 117 -0.67 1.30 -47.19
N GLN B 118 -1.85 0.86 -46.82
CA GLN B 118 -2.98 1.75 -46.74
C GLN B 118 -2.76 2.83 -45.72
N LEU B 119 -2.22 2.47 -44.57
CA LEU B 119 -2.17 3.42 -43.44
C LEU B 119 -1.09 4.46 -43.67
N GLU B 120 -0.15 4.14 -44.57
CA GLU B 120 0.89 5.07 -44.99
C GLU B 120 0.27 6.33 -45.59
N VAL B 121 -0.72 6.12 -46.41
CA VAL B 121 -1.44 7.12 -47.14
C VAL B 121 -2.53 7.73 -46.28
N GLY B 122 -2.98 7.01 -45.25
CA GLY B 122 -4.13 7.39 -44.43
C GLY B 122 -3.64 7.96 -43.12
N GLY B 123 -4.21 7.44 -42.02
CA GLY B 123 -3.95 7.98 -40.68
C GLY B 123 -2.50 8.07 -40.22
N PHE B 124 -1.76 6.99 -40.36
CA PHE B 124 -0.46 6.87 -39.69
C PHE B 124 0.64 7.71 -40.32
N GLY B 125 0.65 7.80 -41.66
CA GLY B 125 1.72 8.50 -42.35
C GLY B 125 3.10 7.94 -42.10
N THR B 126 4.00 8.80 -41.66
CA THR B 126 5.41 8.45 -41.43
C THR B 126 5.63 7.55 -40.19
N LEU B 127 4.63 7.46 -39.32
CA LEU B 127 4.65 6.59 -38.17
C LEU B 127 4.61 5.11 -38.50
N THR B 128 3.90 4.83 -39.59
CA THR B 128 3.53 3.47 -40.01
C THR B 128 4.65 2.45 -39.94
N PRO B 129 5.81 2.77 -40.50
CA PRO B 129 6.86 1.74 -40.40
C PRO B 129 7.21 1.43 -38.93
N THR B 130 7.30 2.48 -38.11
CA THR B 130 7.80 2.26 -36.76
C THR B 130 6.76 1.60 -35.87
N ILE B 131 5.47 1.88 -36.15
CA ILE B 131 4.38 1.22 -35.45
C ILE B 131 4.31 -0.27 -35.75
N PHE B 132 4.49 -0.62 -37.00
CA PHE B 132 4.44 -1.99 -37.43
C PHE B 132 5.63 -2.78 -36.93
N LYS B 133 6.80 -2.13 -36.88
CA LYS B 133 7.99 -2.75 -36.33
C LYS B 133 7.66 -3.23 -34.87
N PHE B 134 7.10 -2.31 -34.10
CA PHE B 134 6.82 -2.46 -32.74
C PHE B 134 5.84 -3.57 -32.56
N ALA B 135 4.78 -3.56 -33.32
CA ALA B 135 3.74 -4.57 -33.21
C ALA B 135 4.32 -5.95 -33.49
N ARG B 136 5.19 -6.00 -34.49
CA ARG B 136 5.79 -7.21 -34.97
C ARG B 136 6.67 -7.78 -33.90
N SER B 137 7.51 -6.97 -33.30
CA SER B 137 8.42 -7.40 -32.28
C SER B 137 7.67 -7.85 -31.04
N LEU B 138 6.49 -7.32 -30.76
CA LEU B 138 5.62 -7.94 -29.77
C LEU B 138 5.21 -9.37 -30.12
N VAL B 139 4.93 -9.63 -31.39
CA VAL B 139 4.56 -10.96 -31.81
C VAL B 139 5.73 -11.96 -31.64
N GLU B 140 6.94 -11.49 -31.93
CA GLU B 140 8.16 -12.25 -31.71
C GLU B 140 8.30 -12.73 -30.28
N LEU B 141 7.92 -11.89 -29.32
CA LEU B 141 8.07 -12.28 -27.93
C LEU B 141 6.88 -13.08 -27.48
N SER B 142 6.00 -13.44 -28.42
CA SER B 142 4.83 -14.27 -28.17
C SER B 142 4.07 -13.68 -27.02
N VAL B 143 3.87 -12.36 -27.07
CA VAL B 143 3.11 -11.66 -26.03
C VAL B 143 1.62 -12.01 -26.09
N ASP B 144 1.03 -12.38 -24.97
CA ASP B 144 -0.37 -12.89 -24.98
C ASP B 144 -1.30 -11.90 -24.30
N THR B 145 -2.62 -12.13 -24.36
CA THR B 145 -3.54 -11.07 -24.01
C THR B 145 -3.26 -10.56 -22.60
N ALA B 146 -3.00 -11.48 -21.66
CA ALA B 146 -2.84 -11.12 -20.30
C ALA B 146 -1.59 -10.27 -20.06
N GLU B 147 -0.51 -10.59 -20.76
CA GLU B 147 0.68 -9.74 -20.71
C GLU B 147 0.39 -8.34 -21.26
N TYR B 148 -0.45 -8.24 -22.25
CA TYR B 148 -0.98 -6.96 -22.70
C TYR B 148 -1.70 -6.17 -21.64
N ALA B 149 -2.57 -6.84 -20.93
CA ALA B 149 -3.31 -6.23 -19.84
C ALA B 149 -2.34 -5.72 -18.79
N MET B 150 -1.31 -6.50 -18.48
CA MET B 150 -0.40 -6.15 -17.41
C MET B 150 0.44 -4.98 -17.76
N LEU B 151 0.89 -4.94 -19.01
CA LEU B 151 1.69 -3.81 -19.53
C LEU B 151 0.88 -2.56 -19.51
N SER B 152 -0.41 -2.64 -19.84
CA SER B 152 -1.23 -1.42 -19.79
C SER B 152 -1.34 -0.90 -18.41
N LEU B 153 -1.60 -1.79 -17.41
CA LEU B 153 -1.76 -1.32 -16.04
C LEU B 153 -0.47 -0.72 -15.52
N ILE B 154 0.66 -1.36 -15.86
CA ILE B 154 1.93 -0.89 -15.45
C ILE B 154 2.22 0.47 -16.08
N CYS B 155 1.77 0.66 -17.34
CA CYS B 155 1.95 1.91 -18.05
C CYS B 155 1.18 3.00 -17.33
N LEU B 156 -0.07 2.68 -17.00
CA LEU B 156 -0.96 3.58 -16.36
C LEU B 156 -0.42 4.04 -15.04
N ILE B 157 0.03 3.10 -14.22
CA ILE B 157 0.43 3.37 -12.87
C ILE B 157 1.92 3.66 -12.84
N SER B 158 2.28 4.81 -13.32
CA SER B 158 3.69 5.12 -13.54
C SER B 158 4.07 6.32 -12.69
N GLY B 159 5.05 6.13 -11.83
CA GLY B 159 5.46 7.13 -10.84
C GLY B 159 6.12 8.37 -11.42
N ASP B 160 6.68 8.24 -12.60
CA ASP B 160 7.53 9.31 -13.17
C ASP B 160 6.83 10.41 -14.00
N ARG B 161 5.54 10.28 -14.25
CA ARG B 161 4.75 11.31 -14.91
C ARG B 161 4.87 12.61 -14.15
N SER B 162 4.82 13.73 -14.86
CA SER B 162 4.65 15.09 -14.34
C SER B 162 3.31 15.28 -13.63
N GLY B 163 3.26 16.15 -12.63
CA GLY B 163 2.02 16.63 -12.03
C GLY B 163 1.46 15.71 -10.97
N LEU B 164 2.26 14.74 -10.49
CA LEU B 164 1.76 13.79 -9.56
C LEU B 164 1.70 14.31 -8.14
N GLU B 165 0.57 14.06 -7.47
CA GLU B 165 0.43 14.46 -6.06
C GLU B 165 1.34 13.61 -5.20
N HIS B 166 1.29 12.31 -5.40
CA HIS B 166 1.99 11.34 -4.57
C HIS B 166 2.73 10.37 -5.43
N PRO B 167 3.80 10.82 -6.11
CA PRO B 167 4.51 9.91 -7.01
C PRO B 167 5.00 8.61 -6.31
N GLU B 168 5.30 8.73 -5.04
CA GLU B 168 5.77 7.67 -4.21
C GLU B 168 4.74 6.57 -4.03
N LYS B 169 3.50 6.96 -3.79
CA LYS B 169 2.42 5.96 -3.57
C LYS B 169 2.17 5.21 -4.87
N VAL B 170 2.21 5.97 -5.96
CA VAL B 170 1.94 5.49 -7.31
C VAL B 170 2.93 4.40 -7.59
N GLU B 171 4.21 4.68 -7.33
CA GLU B 171 5.28 3.75 -7.57
C GLU B 171 5.15 2.49 -6.74
N GLN B 172 4.66 2.60 -5.49
CA GLN B 172 4.46 1.49 -4.62
C GLN B 172 3.41 0.56 -5.18
N LYS B 173 2.31 1.14 -5.61
CA LYS B 173 1.24 0.42 -6.25
C LYS B 173 1.68 -0.32 -7.54
N GLN B 174 2.67 0.18 -8.24
CA GLN B 174 3.23 -0.47 -9.42
C GLN B 174 3.97 -1.73 -9.08
N GLU B 175 4.72 -1.68 -7.98
CA GLU B 175 5.64 -2.77 -7.57
C GLU B 175 5.03 -4.20 -7.54
N PRO B 176 3.82 -4.39 -6.97
CA PRO B 176 3.31 -5.75 -7.06
C PRO B 176 3.03 -6.16 -8.50
N ILE B 177 2.59 -5.20 -9.36
CA ILE B 177 2.14 -5.59 -10.72
C ILE B 177 3.30 -6.05 -11.57
N LEU B 178 4.43 -5.43 -11.33
CA LEU B 178 5.68 -5.80 -11.93
C LEU B 178 6.10 -7.17 -11.55
N GLU B 179 6.04 -7.52 -10.26
CA GLU B 179 6.44 -8.86 -9.84
C GLU B 179 5.49 -9.87 -10.36
N THR B 180 4.21 -9.54 -10.36
CA THR B 180 3.17 -10.42 -10.91
C THR B 180 3.39 -10.76 -12.37
N LEU B 181 3.80 -9.76 -13.17
CA LEU B 181 4.04 -10.00 -14.59
C LEU B 181 5.29 -10.80 -14.70
N LYS B 182 6.28 -10.53 -13.84
CA LYS B 182 7.59 -11.21 -13.94
C LYS B 182 7.36 -12.68 -13.81
N HIS B 183 6.60 -13.07 -12.77
CA HIS B 183 6.33 -14.44 -12.54
C HIS B 183 5.55 -15.01 -13.69
N TYR B 184 4.54 -14.29 -14.16
CA TYR B 184 3.69 -14.79 -15.21
C TYR B 184 4.50 -15.10 -16.50
N VAL B 185 5.45 -14.24 -16.77
CA VAL B 185 6.39 -14.44 -17.87
C VAL B 185 7.21 -15.70 -17.63
N ARG B 186 7.63 -15.89 -16.39
CA ARG B 186 8.35 -17.08 -15.95
C ARG B 186 7.55 -18.34 -16.12
N LYS B 187 6.26 -18.34 -15.82
CA LYS B 187 5.42 -19.57 -16.03
C LYS B 187 5.44 -19.93 -17.51
N ARG B 188 5.33 -18.93 -18.37
CA ARG B 188 5.27 -19.15 -19.78
C ARG B 188 6.57 -19.44 -20.43
N ARG B 189 7.66 -18.87 -19.94
CA ARG B 189 8.95 -18.92 -20.70
C ARG B 189 10.10 -19.28 -19.77
N PRO B 190 10.06 -20.50 -19.18
CA PRO B 190 11.09 -20.86 -18.20
C PRO B 190 12.45 -21.03 -18.91
N ASP B 191 12.38 -21.52 -20.13
CA ASP B 191 13.47 -21.56 -21.10
C ASP B 191 14.18 -20.22 -21.36
N SER B 192 13.42 -19.13 -21.49
CA SER B 192 14.03 -17.85 -21.77
C SER B 192 14.01 -16.98 -20.54
N PRO B 193 15.19 -16.69 -20.02
CA PRO B 193 15.26 -15.96 -18.78
C PRO B 193 15.25 -14.42 -18.97
N HIS B 194 15.60 -13.92 -20.15
CA HIS B 194 15.70 -12.48 -20.35
C HIS B 194 14.37 -11.87 -20.80
N SER B 195 13.34 -12.68 -20.93
CA SER B 195 12.00 -12.29 -21.33
C SER B 195 11.38 -11.15 -20.55
N PHE B 196 11.54 -11.12 -19.23
CA PHE B 196 10.78 -10.20 -18.40
C PHE B 196 11.31 -8.79 -18.74
N ALA B 197 12.65 -8.67 -18.81
CA ALA B 197 13.30 -7.42 -19.12
C ALA B 197 12.86 -6.91 -20.49
N LYS B 198 12.72 -7.83 -21.44
CA LYS B 198 12.38 -7.51 -22.82
C LYS B 198 11.02 -6.85 -22.93
N LEU B 199 10.08 -7.30 -22.12
CA LEU B 199 8.79 -6.63 -22.00
C LEU B 199 8.90 -5.24 -21.40
N LEU B 200 9.78 -5.05 -20.43
CA LEU B 200 9.87 -3.73 -19.81
C LEU B 200 10.39 -2.70 -20.78
N LEU B 201 11.23 -3.21 -21.66
CA LEU B 201 11.95 -2.35 -22.60
C LEU B 201 10.95 -1.91 -23.66
N LYS B 202 9.88 -2.69 -23.85
CA LYS B 202 8.87 -2.28 -24.79
C LYS B 202 8.06 -1.14 -24.25
N LEU B 203 8.12 -0.92 -22.96
CA LEU B 203 7.51 0.25 -22.37
C LEU B 203 8.28 1.47 -22.84
N THR B 204 9.58 1.30 -23.03
CA THR B 204 10.47 2.32 -23.47
C THR B 204 10.26 2.59 -24.96
N ASP B 205 9.98 1.57 -25.74
CA ASP B 205 9.48 1.72 -27.07
C ASP B 205 8.22 2.56 -27.13
N LEU B 206 7.29 2.27 -26.28
CA LEU B 206 6.02 3.00 -26.26
C LEU B 206 6.12 4.52 -26.06
N ARG B 207 7.00 4.93 -25.16
CA ARG B 207 7.19 6.35 -24.89
C ARG B 207 7.66 7.09 -26.09
N SER B 208 8.69 6.57 -26.74
CA SER B 208 9.20 7.12 -28.01
C SER B 208 8.10 7.15 -29.05
N LEU B 209 7.35 6.05 -29.07
CA LEU B 209 6.39 5.88 -30.09
C LEU B 209 5.20 6.77 -29.86
N SER B 210 4.85 7.01 -28.61
CA SER B 210 3.62 7.74 -28.35
C SER B 210 3.88 9.22 -28.64
N VAL B 211 5.10 9.70 -28.42
CA VAL B 211 5.46 11.08 -28.74
C VAL B 211 5.31 11.31 -30.23
N LYS B 212 5.88 10.42 -31.02
CA LYS B 212 5.86 10.55 -32.47
C LYS B 212 4.42 10.45 -32.95
N GLY B 213 3.63 9.60 -32.32
CA GLY B 213 2.23 9.46 -32.65
C GLY B 213 1.46 10.72 -32.33
N ALA B 214 1.83 11.40 -31.24
CA ALA B 214 1.14 12.61 -30.85
C ALA B 214 1.48 13.69 -31.89
N GLU B 215 2.73 13.72 -32.32
CA GLU B 215 3.14 14.68 -33.34
C GLU B 215 2.25 14.51 -34.55
N ARG B 216 1.87 13.28 -34.83
CA ARG B 216 1.05 13.00 -35.97
C ARG B 216 -0.38 13.49 -35.78
N VAL B 217 -0.92 13.40 -34.58
CA VAL B 217 -2.29 13.91 -34.31
C VAL B 217 -2.34 15.43 -34.53
N LEU B 218 -1.33 16.08 -34.03
CA LEU B 218 -1.15 17.52 -34.13
C LEU B 218 -1.06 17.96 -35.60
N GLN B 219 -0.24 17.28 -36.42
CA GLN B 219 0.03 17.71 -37.77
C GLN B 219 -1.32 17.62 -38.57
N LEU B 220 -2.15 16.62 -38.20
CA LEU B 220 -3.47 16.46 -38.70
C LEU B 220 -4.44 17.54 -38.23
N ARG B 221 -4.32 17.91 -36.97
CA ARG B 221 -5.20 18.92 -36.37
C ARG B 221 -4.88 20.27 -37.00
N MET B 222 -3.61 20.52 -37.26
CA MET B 222 -3.10 21.74 -37.87
C MET B 222 -3.81 22.06 -39.19
N GLU B 223 -4.33 21.02 -39.85
CA GLU B 223 -4.90 21.17 -41.17
C GLU B 223 -6.35 21.62 -41.03
N MET B 224 -6.81 21.72 -39.80
CA MET B 224 -8.18 22.12 -39.52
C MET B 224 -8.18 23.21 -38.44
N PRO B 225 -7.60 24.40 -38.78
CA PRO B 225 -7.33 25.42 -37.77
C PRO B 225 -8.62 26.05 -37.22
N GLY B 226 -9.72 25.98 -37.97
CA GLY B 226 -10.94 26.68 -37.66
C GLY B 226 -11.43 26.37 -36.25
N GLU B 227 -11.21 25.13 -35.81
CA GLU B 227 -11.76 24.66 -34.56
C GLU B 227 -10.80 24.81 -33.38
N LEU B 228 -9.64 25.38 -33.60
CA LEU B 228 -8.66 25.54 -32.54
C LEU B 228 -8.92 26.60 -31.46
N PRO B 229 -9.42 27.80 -31.81
CA PRO B 229 -9.49 28.82 -30.74
C PRO B 229 -10.21 28.42 -29.43
N PRO B 230 -11.29 27.62 -29.47
CA PRO B 230 -11.84 27.24 -28.15
C PRO B 230 -11.09 26.13 -27.35
N LEU B 231 -9.96 25.66 -27.85
CA LEU B 231 -9.09 24.75 -27.11
C LEU B 231 -7.70 25.36 -27.00
N ILE B 232 -7.73 26.59 -26.49
CA ILE B 232 -6.56 27.42 -26.37
C ILE B 232 -5.76 26.92 -25.18
N LEU B 233 -6.45 26.85 -24.05
CA LEU B 233 -5.81 26.72 -22.78
C LEU B 233 -4.84 25.54 -22.75
N GLU B 234 -5.25 24.43 -23.36
CA GLU B 234 -4.62 23.16 -23.23
C GLU B 234 -3.18 23.19 -23.72
N MET B 235 -2.99 23.82 -24.88
CA MET B 235 -1.63 23.96 -25.41
C MET B 235 -0.82 24.92 -24.51
N LEU B 236 -1.36 25.14 -23.32
CA LEU B 236 -0.71 25.86 -22.22
C LEU B 236 -1.02 25.08 -20.94
N ASP B 237 -0.41 25.50 -19.82
CA ASP B 237 -0.51 24.77 -18.53
C ASP B 237 -1.06 25.49 -17.32
N GLU C 3 30.40 -15.02 -6.51
CA GLU C 3 28.96 -14.68 -6.31
C GLU C 3 28.10 -14.79 -7.55
N LEU C 4 28.78 -14.80 -8.73
CA LEU C 4 28.28 -14.58 -10.08
C LEU C 4 29.11 -15.37 -11.13
N THR C 5 28.53 -15.62 -12.30
CA THR C 5 29.20 -16.34 -13.35
C THR C 5 30.57 -15.73 -13.64
N GLU C 6 31.47 -16.56 -14.16
CA GLU C 6 32.79 -16.10 -14.44
C GLU C 6 32.75 -15.19 -15.68
N ASP C 7 31.91 -15.54 -16.64
CA ASP C 7 31.79 -14.75 -17.88
C ASP C 7 31.25 -13.40 -17.54
N GLU C 8 30.20 -13.40 -16.73
CA GLU C 8 29.53 -12.18 -16.40
C GLU C 8 30.50 -11.24 -15.74
N GLU C 9 31.28 -11.72 -14.76
CA GLU C 9 32.18 -10.84 -14.08
C GLU C 9 33.17 -10.28 -15.05
N GLU C 10 33.44 -11.03 -16.09
CA GLU C 10 34.30 -10.54 -17.18
C GLU C 10 33.61 -9.40 -17.88
N MET C 11 32.31 -9.55 -18.10
CA MET C 11 31.43 -8.55 -18.73
C MET C 11 31.35 -7.29 -17.93
N VAL C 12 31.13 -7.39 -16.64
CA VAL C 12 31.07 -6.25 -15.81
C VAL C 12 32.33 -5.43 -15.93
N GLU C 13 33.47 -6.10 -15.82
CA GLU C 13 34.75 -5.42 -15.80
C GLU C 13 35.04 -4.75 -17.10
N LYS C 14 34.75 -5.44 -18.21
CA LYS C 14 35.00 -4.87 -19.52
C LYS C 14 34.09 -3.65 -19.73
N ILE C 15 32.80 -3.82 -19.42
CA ILE C 15 31.86 -2.72 -19.49
C ILE C 15 32.24 -1.59 -18.56
N LEU C 16 32.52 -1.86 -17.30
CA LEU C 16 32.98 -0.83 -16.35
C LEU C 16 34.21 -0.06 -16.88
N LYS C 17 35.17 -0.84 -17.34
CA LYS C 17 36.43 -0.32 -17.74
C LYS C 17 36.25 0.60 -18.93
N ALA C 18 35.32 0.23 -19.84
CA ALA C 18 35.04 1.02 -21.01
C ALA C 18 34.42 2.35 -20.63
N HIS C 19 33.57 2.33 -19.61
CA HIS C 19 32.96 3.54 -19.06
C HIS C 19 34.07 4.36 -18.46
N GLU C 20 34.84 3.72 -17.60
CA GLU C 20 35.84 4.42 -16.82
C GLU C 20 36.91 5.08 -17.68
N GLU C 21 37.28 4.42 -18.77
CA GLU C 21 38.29 4.97 -19.66
C GLU C 21 37.78 6.16 -20.40
N THR C 22 36.48 6.20 -20.71
CA THR C 22 35.90 7.29 -21.50
C THR C 22 34.96 8.18 -20.70
N PHE C 23 34.98 8.08 -19.40
CA PHE C 23 34.20 8.94 -18.51
C PHE C 23 34.91 8.90 -17.19
N PRO C 24 36.01 9.62 -17.06
CA PRO C 24 36.84 9.52 -15.82
C PRO C 24 36.12 10.06 -14.58
N TYR C 25 36.51 9.54 -13.41
CA TYR C 25 35.98 9.95 -12.11
C TYR C 25 36.33 11.40 -11.74
N LEU C 26 35.58 12.00 -10.82
CA LEU C 26 35.74 13.39 -10.45
C LEU C 26 36.03 13.68 -8.98
N THR C 27 36.47 14.92 -8.73
CA THR C 27 36.88 15.52 -7.42
C THR C 27 38.23 15.06 -6.91
N ASP C 28 38.84 14.20 -7.71
CA ASP C 28 40.29 14.04 -7.89
C ASP C 28 40.36 14.68 -9.25
N ASP C 29 41.36 15.56 -9.45
CA ASP C 29 41.35 16.55 -10.53
C ASP C 29 40.02 17.27 -10.26
N ASP C 30 40.01 17.95 -9.13
CA ASP C 30 38.82 18.50 -8.51
C ASP C 30 37.95 19.36 -9.42
N LYS C 31 36.69 19.45 -9.04
CA LYS C 31 35.72 20.34 -9.60
C LYS C 31 35.95 21.78 -9.19
N TYR C 32 35.28 22.75 -9.80
CA TYR C 32 35.23 24.10 -9.31
C TYR C 32 33.83 24.72 -9.40
N ARG C 33 33.52 25.64 -8.50
CA ARG C 33 32.15 26.08 -8.29
C ARG C 33 31.69 27.36 -8.95
N LEU C 34 32.54 27.93 -9.80
CA LEU C 34 32.19 29.08 -10.67
C LEU C 34 32.14 30.48 -10.00
N THR C 35 32.51 31.47 -10.80
CA THR C 35 32.72 32.84 -10.29
C THR C 35 31.97 33.87 -11.15
N GLN C 36 30.93 34.44 -10.54
CA GLN C 36 30.13 35.60 -10.98
C GLN C 36 28.87 35.71 -10.15
N ILE C 45 23.15 32.76 -18.95
CA ILE C 45 24.24 33.69 -18.68
C ILE C 45 25.67 33.12 -18.90
N LEU C 46 25.84 31.79 -18.98
CA LEU C 46 27.13 31.15 -19.32
C LEU C 46 26.97 29.71 -19.81
N TRP C 47 26.10 29.52 -20.81
CA TRP C 47 25.89 28.24 -21.45
C TRP C 47 26.92 28.03 -22.56
N GLU C 48 27.95 28.85 -22.56
CA GLU C 48 28.95 28.79 -23.62
C GLU C 48 29.75 27.51 -23.41
N ARG C 49 30.22 27.30 -22.18
CA ARG C 49 31.01 26.12 -21.82
C ARG C 49 30.20 24.86 -22.05
N VAL C 50 28.95 24.90 -21.60
CA VAL C 50 28.06 23.75 -21.69
C VAL C 50 27.97 23.22 -23.14
N SER C 51 27.71 24.12 -24.07
CA SER C 51 27.83 23.84 -25.49
C SER C 51 29.23 23.40 -25.91
N GLU C 52 30.28 23.98 -25.33
CA GLU C 52 31.65 23.57 -25.68
C GLU C 52 31.91 22.08 -25.42
N LEU C 53 31.55 21.66 -24.22
CA LEU C 53 31.78 20.31 -23.73
C LEU C 53 30.92 19.26 -24.42
N SER C 54 29.92 19.66 -25.17
CA SER C 54 29.08 18.76 -25.93
C SER C 54 29.86 17.96 -26.94
N THR C 55 30.76 18.63 -27.64
CA THR C 55 31.54 17.96 -28.70
C THR C 55 32.33 16.81 -28.09
N LYS C 56 33.03 17.12 -27.02
CA LYS C 56 33.90 16.20 -26.35
C LYS C 56 33.05 15.07 -25.74
N ALA C 57 31.88 15.42 -25.23
CA ALA C 57 30.98 14.52 -24.53
C ALA C 57 30.51 13.43 -25.45
N ILE C 58 30.20 13.81 -26.68
CA ILE C 58 29.70 12.89 -27.69
C ILE C 58 30.86 12.07 -28.19
N ALA C 59 32.02 12.67 -28.27
CA ALA C 59 33.17 11.95 -28.82
C ALA C 59 33.45 10.80 -27.89
N ASN C 60 33.32 11.05 -26.59
CA ASN C 60 33.58 10.04 -25.59
C ASN C 60 32.60 8.88 -25.62
N VAL C 61 31.33 9.16 -25.91
CA VAL C 61 30.33 8.11 -25.98
C VAL C 61 30.66 7.20 -27.15
N VAL C 62 31.16 7.76 -28.25
CA VAL C 62 31.58 6.95 -29.39
C VAL C 62 32.64 5.94 -28.99
N ASP C 63 33.64 6.45 -28.30
CA ASP C 63 34.78 5.69 -27.84
C ASP C 63 34.27 4.63 -26.90
N PHE C 64 33.22 4.89 -26.15
CA PHE C 64 32.70 3.94 -25.23
C PHE C 64 32.28 2.70 -26.00
N GLY C 65 31.61 2.88 -27.12
CA GLY C 65 31.19 1.84 -28.00
C GLY C 65 32.30 1.17 -28.72
N LYS C 66 33.31 1.90 -29.12
CA LYS C 66 34.49 1.30 -29.79
C LYS C 66 35.11 0.28 -28.86
N GLN C 67 35.06 0.56 -27.56
CA GLN C 67 35.75 -0.23 -26.57
C GLN C 67 35.01 -1.44 -26.09
N VAL C 68 33.92 -1.79 -26.75
CA VAL C 68 33.08 -2.86 -26.29
C VAL C 68 32.68 -3.83 -27.41
N PRO C 69 33.62 -4.74 -27.84
CA PRO C 69 33.25 -5.66 -28.96
C PRO C 69 32.02 -6.46 -28.58
N VAL C 70 31.08 -6.57 -29.49
CA VAL C 70 29.65 -6.78 -29.20
C VAL C 70 29.08 -5.71 -30.11
N PHE C 71 29.22 -4.46 -29.70
CA PHE C 71 28.93 -3.32 -30.55
C PHE C 71 29.84 -3.36 -31.75
N THR C 72 31.11 -3.67 -31.54
CA THR C 72 32.11 -3.72 -32.61
C THR C 72 31.81 -4.84 -33.61
N GLN C 73 31.14 -5.88 -33.12
CA GLN C 73 30.59 -6.94 -33.97
C GLN C 73 29.61 -6.46 -35.03
N LEU C 74 28.82 -5.45 -34.72
CA LEU C 74 27.75 -5.00 -35.62
C LEU C 74 28.22 -4.27 -36.85
N SER C 75 27.35 -4.23 -37.85
CA SER C 75 27.66 -3.50 -39.11
C SER C 75 27.90 -2.03 -38.79
N THR C 76 28.78 -1.43 -39.59
CA THR C 76 29.22 -0.05 -39.42
C THR C 76 28.04 0.89 -39.46
N ASN C 77 27.09 0.60 -40.35
CA ASN C 77 25.85 1.34 -40.48
C ASN C 77 25.03 1.33 -39.21
N ASP C 78 24.92 0.17 -38.59
CA ASP C 78 24.18 -0.03 -37.38
C ASP C 78 24.84 0.66 -36.21
N GLN C 79 26.16 0.60 -36.15
CA GLN C 79 26.92 1.36 -35.16
C GLN C 79 26.56 2.86 -35.18
N ILE C 80 26.56 3.45 -36.38
CA ILE C 80 26.23 4.85 -36.57
C ILE C 80 24.76 5.10 -36.20
N THR C 81 23.87 4.23 -36.68
CA THR C 81 22.44 4.36 -36.40
C THR C 81 22.16 4.36 -34.92
N LEU C 82 22.79 3.43 -34.19
CA LEU C 82 22.52 3.27 -32.75
C LEU C 82 23.15 4.36 -31.97
N LEU C 83 24.36 4.75 -32.36
CA LEU C 83 25.06 5.88 -31.70
C LEU C 83 24.32 7.19 -31.87
N LYS C 84 23.76 7.41 -33.08
CA LYS C 84 23.00 8.57 -33.38
C LYS C 84 21.80 8.62 -32.41
N ALA C 85 21.10 7.47 -32.32
CA ALA C 85 19.89 7.38 -31.52
C ALA C 85 20.20 7.39 -30.05
N ALA C 86 21.32 6.86 -29.62
CA ALA C 86 21.65 6.63 -28.20
C ALA C 86 22.35 7.78 -27.52
N CYS C 87 23.02 8.60 -28.31
CA CYS C 87 24.04 9.47 -27.84
C CYS C 87 23.64 10.42 -26.73
N LEU C 88 22.46 11.03 -26.87
CA LEU C 88 22.00 12.00 -25.91
C LEU C 88 21.48 11.29 -24.65
N GLU C 89 20.83 10.14 -24.81
CA GLU C 89 20.47 9.34 -23.67
C GLU C 89 21.67 9.03 -22.81
N ILE C 90 22.77 8.54 -23.44
CA ILE C 90 23.92 8.12 -22.64
C ILE C 90 24.57 9.32 -21.95
N ILE C 91 24.66 10.45 -22.61
CA ILE C 91 25.22 11.68 -22.04
C ILE C 91 24.40 12.16 -20.84
N ILE C 92 23.10 12.08 -20.92
CA ILE C 92 22.31 12.46 -19.81
C ILE C 92 22.55 11.50 -18.63
N LEU C 93 22.63 10.21 -18.93
CA LEU C 93 22.85 9.24 -17.88
C LEU C 93 24.20 9.48 -17.19
N ARG C 94 25.19 9.80 -17.97
CA ARG C 94 26.49 10.16 -17.46
C ARG C 94 26.42 11.39 -16.57
N LEU C 95 25.60 12.34 -16.99
CA LEU C 95 25.54 13.59 -16.26
C LEU C 95 24.94 13.35 -14.93
N ALA C 96 23.89 12.56 -14.92
CA ALA C 96 23.23 12.08 -13.69
C ALA C 96 24.19 11.35 -12.78
N SER C 97 25.07 10.58 -13.39
CA SER C 97 26.08 9.84 -12.74
C SER C 97 26.95 10.73 -11.86
N ARG C 98 27.16 11.99 -12.24
CA ARG C 98 28.07 12.88 -11.51
C ARG C 98 27.31 13.81 -10.55
N TYR C 99 26.01 13.58 -10.38
CA TYR C 99 25.22 14.42 -9.51
C TYR C 99 25.70 14.22 -8.09
N ASP C 100 25.82 15.29 -7.32
CA ASP C 100 26.32 15.22 -5.95
C ASP C 100 25.19 15.46 -5.02
N ASP C 101 24.82 14.37 -4.36
CA ASP C 101 23.75 14.30 -3.42
C ASP C 101 23.91 15.26 -2.29
N LYS C 102 25.11 15.26 -1.71
CA LYS C 102 25.50 16.13 -0.59
C LYS C 102 25.27 17.59 -0.89
N GLU C 103 25.80 18.03 -2.04
CA GLU C 103 25.86 19.44 -2.37
C GLU C 103 24.76 19.94 -3.31
N ASP C 104 23.93 19.03 -3.82
CA ASP C 104 22.86 19.36 -4.77
C ASP C 104 23.41 19.98 -6.07
N THR C 105 24.47 19.38 -6.60
CA THR C 105 25.17 19.92 -7.76
C THR C 105 25.38 18.92 -8.88
N MET C 106 25.71 19.41 -10.08
CA MET C 106 26.06 18.57 -11.22
C MET C 106 27.39 18.99 -11.78
N SER C 107 28.07 18.06 -12.44
CA SER C 107 29.42 18.34 -12.83
C SER C 107 29.62 18.01 -14.30
N PHE C 108 30.44 18.86 -14.96
CA PHE C 108 30.84 18.51 -16.29
C PHE C 108 32.23 17.93 -16.28
N SER C 109 32.57 17.26 -17.37
CA SER C 109 33.76 16.42 -17.41
C SER C 109 35.01 17.25 -17.09
N ASN C 110 34.86 18.58 -17.19
CA ASN C 110 35.92 19.53 -17.00
C ASN C 110 36.15 19.73 -15.50
N GLY C 111 35.13 19.44 -14.72
CA GLY C 111 35.10 19.70 -13.30
C GLY C 111 34.14 20.83 -12.96
N LEU C 112 33.63 21.54 -13.96
CA LEU C 112 32.69 22.64 -13.68
C LEU C 112 31.48 22.13 -12.93
N THR C 113 31.18 22.77 -11.80
CA THR C 113 30.13 22.27 -10.90
C THR C 113 29.14 23.41 -10.63
N LEU C 114 27.87 23.07 -10.80
CA LEU C 114 26.79 24.01 -10.83
C LEU C 114 25.57 23.57 -10.05
N THR C 115 24.96 24.51 -9.33
CA THR C 115 23.80 24.21 -8.53
C THR C 115 22.57 24.18 -9.38
N GLN C 116 21.46 23.65 -8.85
CA GLN C 116 20.27 23.53 -9.65
C GLN C 116 19.87 24.89 -10.21
N GLN C 117 19.87 25.88 -9.33
CA GLN C 117 19.36 27.25 -9.58
C GLN C 117 20.22 27.90 -10.66
N GLN C 118 21.56 27.73 -10.54
CA GLN C 118 22.48 28.22 -11.53
C GLN C 118 22.19 27.62 -12.89
N LEU C 119 21.83 26.33 -12.91
CA LEU C 119 21.44 25.69 -14.14
C LEU C 119 20.10 26.16 -14.65
N GLU C 120 19.16 26.50 -13.77
CA GLU C 120 17.83 26.92 -14.21
C GLU C 120 17.95 28.19 -15.05
N VAL C 121 18.75 29.11 -14.54
CA VAL C 121 18.97 30.41 -15.13
C VAL C 121 19.79 30.28 -16.40
N GLY C 122 20.85 29.47 -16.34
CA GLY C 122 21.67 29.19 -17.52
C GLY C 122 20.83 28.36 -18.50
N GLY C 123 21.53 27.63 -19.35
CA GLY C 123 20.91 26.88 -20.45
C GLY C 123 20.37 25.50 -20.15
N PHE C 124 19.64 25.33 -19.05
CA PHE C 124 18.97 24.06 -18.76
C PHE C 124 17.41 24.18 -18.50
N GLY C 125 16.88 25.39 -18.39
CA GLY C 125 15.48 25.62 -18.56
C GLY C 125 14.67 25.10 -17.41
N THR C 126 13.41 24.85 -17.74
CA THR C 126 12.44 24.23 -16.81
C THR C 126 12.66 22.72 -16.66
N LEU C 127 13.50 22.13 -17.50
CA LEU C 127 13.88 20.74 -17.42
C LEU C 127 14.70 20.40 -16.19
N THR C 128 15.51 21.37 -15.77
CA THR C 128 16.52 21.20 -14.70
C THR C 128 15.95 20.51 -13.43
N PRO C 129 14.76 20.93 -13.00
CA PRO C 129 14.16 20.20 -11.92
C PRO C 129 13.91 18.74 -12.27
N THR C 130 13.44 18.44 -13.46
CA THR C 130 13.15 17.05 -13.82
C THR C 130 14.45 16.24 -14.02
N ILE C 131 15.53 16.87 -14.42
CA ILE C 131 16.84 16.24 -14.50
C ILE C 131 17.37 15.84 -13.13
N PHE C 132 17.19 16.72 -12.16
CA PHE C 132 17.67 16.54 -10.83
C PHE C 132 16.84 15.47 -10.13
N LYS C 133 15.53 15.46 -10.39
CA LYS C 133 14.65 14.51 -9.75
C LYS C 133 15.10 13.13 -10.17
N PHE C 134 15.34 12.93 -11.44
CA PHE C 134 15.74 11.65 -12.02
C PHE C 134 17.04 11.21 -11.38
N ALA C 135 18.03 12.13 -11.38
CA ALA C 135 19.33 11.82 -10.87
C ALA C 135 19.28 11.46 -9.39
N ARG C 136 18.42 12.15 -8.66
CA ARG C 136 18.14 11.86 -7.29
C ARG C 136 17.51 10.47 -7.18
N SER C 137 16.70 10.08 -8.14
CA SER C 137 16.00 8.82 -8.11
C SER C 137 17.02 7.68 -8.19
N LEU C 138 18.07 7.87 -8.97
CA LEU C 138 19.05 6.82 -9.15
C LEU C 138 19.86 6.68 -7.88
N VAL C 139 20.06 7.78 -7.17
CA VAL C 139 20.85 7.73 -5.95
C VAL C 139 20.06 6.97 -4.85
N GLU C 140 18.75 7.14 -4.79
CA GLU C 140 17.88 6.36 -3.92
C GLU C 140 18.04 4.84 -4.13
N LEU C 141 18.20 4.45 -5.39
CA LEU C 141 18.40 3.10 -5.78
C LEU C 141 19.86 2.67 -5.75
N SER C 142 20.73 3.54 -5.25
CA SER C 142 22.13 3.19 -4.92
C SER C 142 22.77 2.61 -6.13
N VAL C 143 22.52 3.23 -7.28
CA VAL C 143 23.08 2.81 -8.58
C VAL C 143 24.60 3.09 -8.59
N ASP C 144 25.40 2.14 -9.05
CA ASP C 144 26.87 2.28 -9.03
C ASP C 144 27.50 2.37 -10.41
N THR C 145 28.78 2.65 -10.48
CA THR C 145 29.44 2.87 -11.75
C THR C 145 29.23 1.76 -12.77
N ALA C 146 29.28 0.54 -12.27
CA ALA C 146 29.07 -0.64 -13.10
C ALA C 146 27.67 -0.65 -13.70
N GLU C 147 26.68 -0.34 -12.88
CA GLU C 147 25.31 -0.24 -13.34
C GLU C 147 25.14 0.88 -14.34
N TYR C 148 25.77 2.03 -14.10
CA TYR C 148 25.67 3.14 -15.08
C TYR C 148 26.21 2.77 -16.43
N ALA C 149 27.38 2.16 -16.45
CA ALA C 149 27.98 1.64 -17.64
C ALA C 149 27.09 0.65 -18.33
N MET C 150 26.66 -0.45 -17.67
CA MET C 150 25.94 -1.52 -18.38
C MET C 150 24.61 -0.98 -18.94
N LEU C 151 23.97 -0.13 -18.14
CA LEU C 151 22.70 0.46 -18.45
C LEU C 151 22.83 1.37 -19.67
N SER C 152 23.95 2.09 -19.83
CA SER C 152 24.22 2.78 -21.03
C SER C 152 24.28 1.82 -22.20
N LEU C 153 24.98 0.69 -22.03
CA LEU C 153 25.21 -0.23 -23.12
C LEU C 153 23.87 -0.82 -23.58
N ILE C 154 22.96 -0.89 -22.68
CA ILE C 154 21.60 -1.31 -22.97
C ILE C 154 20.90 -0.27 -23.82
N CYS C 155 21.22 0.99 -23.61
CA CYS C 155 20.72 2.06 -24.45
C CYS C 155 21.29 1.97 -25.82
N LEU C 156 22.59 1.76 -25.86
CA LEU C 156 23.30 1.74 -27.13
C LEU C 156 22.79 0.64 -28.01
N ILE C 157 22.67 -0.54 -27.43
CA ILE C 157 22.34 -1.75 -28.17
C ILE C 157 20.87 -2.00 -28.05
N SER C 158 20.07 -1.13 -28.62
CA SER C 158 18.62 -1.23 -28.53
C SER C 158 18.06 -1.53 -29.93
N GLY C 159 17.32 -2.62 -30.03
CA GLY C 159 16.91 -3.18 -31.33
C GLY C 159 15.72 -2.51 -31.93
N ASP C 160 15.12 -1.55 -31.26
CA ASP C 160 14.00 -0.81 -31.80
C ASP C 160 14.34 0.48 -32.56
N ARG C 161 15.62 0.83 -32.74
CA ARG C 161 16.01 2.05 -33.43
C ARG C 161 15.55 1.96 -34.84
N SER C 162 15.14 3.09 -35.39
CA SER C 162 14.67 3.18 -36.82
C SER C 162 15.80 2.89 -37.82
N GLY C 163 15.53 2.07 -38.83
CA GLY C 163 16.47 1.90 -39.95
C GLY C 163 17.75 1.11 -39.68
N LEU C 164 17.60 0.03 -38.93
CA LEU C 164 18.77 -0.82 -38.71
C LEU C 164 18.78 -1.87 -39.79
N GLU C 165 19.99 -2.22 -40.23
CA GLU C 165 20.20 -3.33 -41.13
C GLU C 165 19.84 -4.64 -40.51
N HIS C 166 20.29 -4.88 -39.29
CA HIS C 166 20.07 -6.20 -38.65
C HIS C 166 19.50 -6.12 -37.26
N PRO C 167 18.27 -5.64 -37.12
CA PRO C 167 17.74 -5.39 -35.78
C PRO C 167 17.74 -6.63 -34.88
N GLU C 168 17.49 -7.79 -35.48
CA GLU C 168 17.50 -9.07 -34.77
C GLU C 168 18.87 -9.39 -34.16
N LYS C 169 19.93 -9.09 -34.90
CA LYS C 169 21.31 -9.23 -34.43
C LYS C 169 21.54 -8.32 -33.22
N VAL C 170 20.95 -7.12 -33.29
CA VAL C 170 21.16 -6.11 -32.29
C VAL C 170 20.58 -6.62 -31.00
N GLU C 171 19.38 -7.15 -31.09
CA GLU C 171 18.65 -7.67 -29.92
C GLU C 171 19.33 -8.84 -29.26
N GLN C 172 19.97 -9.71 -30.07
CA GLN C 172 20.74 -10.83 -29.61
C GLN C 172 21.89 -10.39 -28.77
N LYS C 173 22.62 -9.41 -29.30
CA LYS C 173 23.74 -8.86 -28.59
C LYS C 173 23.34 -8.19 -27.25
N GLN C 174 22.12 -7.67 -27.17
CA GLN C 174 21.61 -7.03 -26.02
C GLN C 174 21.28 -8.04 -24.94
N GLU C 175 20.75 -9.21 -25.34
CA GLU C 175 20.32 -10.21 -24.34
C GLU C 175 21.29 -10.60 -23.19
N PRO C 176 22.60 -10.84 -23.51
CA PRO C 176 23.46 -11.14 -22.36
C PRO C 176 23.61 -10.00 -21.34
N ILE C 177 23.71 -8.75 -21.74
CA ILE C 177 23.88 -7.62 -20.81
C ILE C 177 22.68 -7.47 -19.87
N LEU C 178 21.51 -7.80 -20.37
CA LEU C 178 20.31 -7.80 -19.60
C LEU C 178 20.35 -8.83 -18.44
N GLU C 179 20.83 -10.02 -18.73
CA GLU C 179 20.96 -11.06 -17.76
C GLU C 179 22.03 -10.68 -16.76
N THR C 180 23.15 -10.13 -17.29
CA THR C 180 24.25 -9.72 -16.44
C THR C 180 23.88 -8.62 -15.49
N LEU C 181 23.25 -7.59 -16.02
CA LEU C 181 22.69 -6.53 -15.15
C LEU C 181 21.77 -7.12 -14.06
N LYS C 182 20.92 -8.08 -14.43
CA LYS C 182 19.99 -8.66 -13.47
C LYS C 182 20.70 -9.28 -12.24
N HIS C 183 21.68 -10.12 -12.57
CA HIS C 183 22.47 -10.82 -11.60
C HIS C 183 23.33 -9.88 -10.78
N TYR C 184 24.00 -8.91 -11.40
CA TYR C 184 24.74 -7.92 -10.65
C TYR C 184 23.88 -7.15 -9.68
N VAL C 185 22.71 -6.71 -10.14
CA VAL C 185 21.77 -5.99 -9.29
C VAL C 185 21.33 -6.90 -8.18
N ARG C 186 21.03 -8.15 -8.53
CA ARG C 186 20.61 -9.14 -7.50
C ARG C 186 21.70 -9.33 -6.41
N LYS C 187 22.98 -9.38 -6.85
CA LYS C 187 24.08 -9.62 -5.98
C LYS C 187 24.24 -8.45 -5.07
N ARG C 188 24.12 -7.23 -5.58
CA ARG C 188 24.11 -6.05 -4.70
C ARG C 188 22.82 -5.94 -3.82
N ARG C 189 21.69 -6.45 -4.30
CA ARG C 189 20.42 -6.25 -3.63
C ARG C 189 19.63 -7.54 -3.46
N PRO C 190 20.12 -8.45 -2.59
CA PRO C 190 19.43 -9.76 -2.47
C PRO C 190 18.06 -9.62 -1.84
N ASP C 191 18.00 -8.68 -0.91
CA ASP C 191 16.81 -8.24 -0.19
C ASP C 191 15.64 -7.79 -1.09
N SER C 192 15.88 -6.97 -2.12
CA SER C 192 14.79 -6.29 -2.77
C SER C 192 14.61 -6.82 -4.14
N PRO C 193 13.57 -7.66 -4.31
CA PRO C 193 13.32 -8.25 -5.61
C PRO C 193 12.80 -7.25 -6.65
N HIS C 194 12.28 -6.10 -6.23
CA HIS C 194 11.84 -5.08 -7.16
C HIS C 194 13.00 -4.31 -7.89
N SER C 195 14.24 -4.46 -7.43
CA SER C 195 15.29 -3.50 -7.84
C SER C 195 15.62 -3.47 -9.34
N PHE C 196 15.62 -4.63 -9.95
CA PHE C 196 16.01 -4.75 -11.35
C PHE C 196 14.98 -4.06 -12.23
N ALA C 197 13.70 -4.32 -12.00
CA ALA C 197 12.60 -3.70 -12.79
C ALA C 197 12.65 -2.17 -12.67
N LYS C 198 12.86 -1.69 -11.44
CA LYS C 198 12.96 -0.29 -11.16
C LYS C 198 14.11 0.42 -12.00
N LEU C 199 15.27 -0.26 -12.08
CA LEU C 199 16.38 0.19 -12.74
C LEU C 199 16.15 0.30 -14.27
N LEU C 200 15.50 -0.71 -14.86
CA LEU C 200 15.31 -0.70 -16.26
C LEU C 200 14.31 0.32 -16.64
N LEU C 201 13.33 0.58 -15.74
CA LEU C 201 12.24 1.48 -16.03
C LEU C 201 12.73 2.91 -15.95
N LYS C 202 13.93 3.12 -15.40
CA LYS C 202 14.54 4.40 -15.47
C LYS C 202 15.02 4.60 -16.87
N LEU C 203 15.23 3.53 -17.66
CA LEU C 203 15.45 3.70 -19.05
C LEU C 203 14.26 4.33 -19.73
N THR C 204 13.07 4.01 -19.28
CA THR C 204 11.86 4.67 -19.79
C THR C 204 11.83 6.17 -19.46
N ASP C 205 12.13 6.48 -18.21
CA ASP C 205 12.31 7.85 -17.81
C ASP C 205 13.33 8.61 -18.70
N LEU C 206 14.45 7.97 -18.98
CA LEU C 206 15.49 8.56 -19.74
C LEU C 206 15.06 8.82 -21.22
N ARG C 207 14.23 7.95 -21.83
CA ARG C 207 13.77 8.19 -23.18
C ARG C 207 12.96 9.48 -23.25
N SER C 208 11.99 9.60 -22.32
CA SER C 208 11.14 10.74 -22.20
C SER C 208 11.87 12.00 -21.84
N LEU C 209 12.78 11.90 -20.89
CA LEU C 209 13.64 13.00 -20.54
C LEU C 209 14.54 13.44 -21.70
N SER C 210 14.99 12.47 -22.50
CA SER C 210 15.88 12.73 -23.55
C SER C 210 15.26 13.58 -24.65
N VAL C 211 14.01 13.27 -24.96
CA VAL C 211 13.29 14.00 -26.01
C VAL C 211 13.15 15.50 -25.62
N LYS C 212 12.82 15.74 -24.37
CA LYS C 212 12.59 17.04 -23.85
C LYS C 212 13.91 17.80 -23.87
N GLY C 213 14.99 17.12 -23.52
CA GLY C 213 16.30 17.76 -23.46
C GLY C 213 16.77 18.13 -24.86
N ALA C 214 16.43 17.31 -25.85
CA ALA C 214 16.76 17.50 -27.21
C ALA C 214 16.08 18.74 -27.72
N GLU C 215 14.82 18.98 -27.27
CA GLU C 215 14.07 20.11 -27.71
C GLU C 215 14.87 21.36 -27.33
N ARG C 216 15.37 21.40 -26.09
CA ARG C 216 16.12 22.53 -25.69
C ARG C 216 17.48 22.70 -26.41
N VAL C 217 18.05 21.62 -26.90
CA VAL C 217 19.30 21.68 -27.70
C VAL C 217 19.06 22.55 -28.95
N LEU C 218 17.89 22.37 -29.58
CA LEU C 218 17.55 23.15 -30.74
C LEU C 218 17.47 24.65 -30.46
N GLN C 219 16.52 25.07 -29.64
CA GLN C 219 16.42 26.50 -29.25
C GLN C 219 17.75 27.08 -28.70
N PRO C 229 27.90 16.55 -35.29
CA PRO C 229 28.82 15.49 -35.51
C PRO C 229 28.87 15.13 -37.02
N PRO C 230 29.45 16.01 -37.88
CA PRO C 230 29.65 15.60 -39.27
C PRO C 230 31.04 15.06 -39.56
N LEU C 231 32.06 15.63 -38.91
CA LEU C 231 33.39 15.00 -38.88
C LEU C 231 33.33 13.62 -38.27
N ILE C 232 32.65 13.47 -37.13
CA ILE C 232 32.59 12.15 -36.48
C ILE C 232 31.81 11.15 -37.37
N LEU C 233 30.72 11.66 -37.98
CA LEU C 233 29.85 10.85 -38.81
C LEU C 233 30.63 10.15 -39.93
N GLU C 234 31.77 10.77 -40.32
CA GLU C 234 32.71 10.18 -41.24
C GLU C 234 33.53 9.06 -40.59
N MET C 235 32.83 8.01 -40.20
CA MET C 235 33.47 6.83 -39.63
C MET C 235 33.01 5.56 -40.35
N LEU C 236 33.58 5.31 -41.54
CA LEU C 236 33.26 4.11 -42.31
C LEU C 236 34.48 3.35 -42.83
N GLU D 3 12.06 -19.50 26.51
CA GLU D 3 12.12 -18.23 27.32
C GLU D 3 12.69 -17.04 26.53
N LEU D 4 13.00 -16.03 27.33
CA LEU D 4 13.38 -14.72 26.88
C LEU D 4 14.61 -14.81 26.08
N THR D 5 14.66 -14.11 24.98
CA THR D 5 15.99 -13.75 24.39
C THR D 5 16.68 -12.86 25.41
N GLU D 6 17.98 -12.68 25.19
CA GLU D 6 18.81 -11.73 25.87
C GLU D 6 18.27 -10.30 25.66
N ASP D 7 17.99 -10.01 24.39
CA ASP D 7 17.50 -8.70 23.97
C ASP D 7 16.17 -8.40 24.58
N GLU D 8 15.33 -9.41 24.70
CA GLU D 8 14.02 -9.29 25.26
C GLU D 8 14.08 -8.79 26.69
N GLU D 9 15.03 -9.29 27.48
CA GLU D 9 15.12 -8.87 28.86
C GLU D 9 15.59 -7.47 28.86
N GLU D 10 16.46 -7.12 27.90
CA GLU D 10 16.97 -5.75 27.82
C GLU D 10 15.80 -4.79 27.62
N MET D 11 14.85 -5.21 26.76
CA MET D 11 13.66 -4.43 26.51
C MET D 11 12.77 -4.26 27.71
N VAL D 12 12.54 -5.35 28.40
CA VAL D 12 11.71 -5.31 29.57
C VAL D 12 12.24 -4.31 30.55
N GLU D 13 13.55 -4.37 30.80
CA GLU D 13 14.18 -3.50 31.81
C GLU D 13 13.99 -2.05 31.49
N LYS D 14 14.24 -1.67 30.24
CA LYS D 14 14.10 -0.26 29.87
C LYS D 14 12.65 0.15 29.90
N ILE D 15 11.75 -0.68 29.32
CA ILE D 15 10.34 -0.34 29.34
C ILE D 15 9.85 -0.24 30.77
N LEU D 16 10.23 -1.20 31.62
CA LEU D 16 9.95 -1.10 33.05
C LEU D 16 10.54 0.15 33.65
N LYS D 17 11.75 0.50 33.24
CA LYS D 17 12.44 1.62 33.78
C LYS D 17 11.69 2.91 33.50
N ALA D 18 11.15 3.00 32.29
CA ALA D 18 10.39 4.18 31.87
C ALA D 18 9.13 4.38 32.71
N HIS D 19 8.46 3.27 33.00
CA HIS D 19 7.17 3.31 33.68
C HIS D 19 7.40 3.78 35.10
N GLU D 20 8.37 3.16 35.75
CA GLU D 20 8.73 3.49 37.12
C GLU D 20 9.23 4.93 37.21
N GLU D 21 10.03 5.38 36.23
CA GLU D 21 10.45 6.76 36.22
C GLU D 21 9.29 7.73 36.07
N THR D 22 8.21 7.29 35.41
CA THR D 22 7.01 8.11 35.26
C THR D 22 5.81 7.64 36.10
N PHE D 23 5.93 6.53 36.82
CA PHE D 23 4.80 6.11 37.67
C PHE D 23 5.31 5.53 38.95
N PRO D 24 5.79 6.39 39.86
CA PRO D 24 6.52 5.90 41.05
C PRO D 24 5.63 5.10 42.02
N TYR D 25 6.26 4.20 42.75
CA TYR D 25 5.64 3.28 43.70
C TYR D 25 5.12 4.03 44.95
N LEU D 26 4.31 3.36 45.78
CA LEU D 26 3.49 4.04 46.75
C LEU D 26 3.50 3.56 48.17
N THR D 27 2.86 4.29 49.08
CA THR D 27 2.74 3.98 50.43
C THR D 27 3.93 4.73 51.20
N ASP D 28 4.87 5.27 50.50
CA ASP D 28 5.78 6.29 51.00
C ASP D 28 5.14 7.61 50.58
N ASP D 29 4.89 8.47 51.56
CA ASP D 29 3.63 9.27 51.61
C ASP D 29 2.51 8.24 51.35
N ASP D 30 2.58 7.17 52.15
CA ASP D 30 1.90 5.93 51.98
C ASP D 30 0.45 6.05 52.18
N LYS D 31 -0.23 6.82 51.34
CA LYS D 31 -1.68 6.78 51.14
C LYS D 31 -2.51 7.33 52.30
N TYR D 32 -3.61 8.00 51.99
CA TYR D 32 -4.47 8.58 53.02
C TYR D 32 -5.91 8.63 52.58
N ARG D 33 -6.81 8.56 53.57
CA ARG D 33 -8.24 8.63 53.33
C ARG D 33 -8.86 9.96 53.77
N LEU D 34 -10.10 10.19 53.33
CA LEU D 34 -10.89 11.36 53.78
C LEU D 34 -12.38 11.10 53.82
N THR D 35 -13.09 11.84 54.69
CA THR D 35 -14.52 11.62 54.93
C THR D 35 -15.41 12.84 54.70
N GLN D 36 -14.94 14.03 55.13
CA GLN D 36 -15.74 15.29 55.08
C GLN D 36 -16.96 15.25 56.00
N ILE D 45 -16.15 22.24 45.26
CA ILE D 45 -15.10 21.22 45.12
C ILE D 45 -15.41 20.33 43.90
N LEU D 46 -15.05 19.05 43.99
CA LEU D 46 -15.21 18.03 42.94
C LEU D 46 -14.45 18.18 41.63
N TRP D 47 -15.14 18.63 40.57
CA TRP D 47 -14.62 18.48 39.22
C TRP D 47 -13.24 19.12 39.12
N GLU D 48 -12.93 20.02 40.08
CA GLU D 48 -11.58 20.52 40.24
C GLU D 48 -10.58 19.35 40.37
N ARG D 49 -10.95 18.41 41.25
CA ARG D 49 -10.04 17.32 41.62
C ARG D 49 -9.85 16.43 40.41
N VAL D 50 -10.94 16.04 39.79
CA VAL D 50 -10.91 15.06 38.69
C VAL D 50 -9.96 15.53 37.58
N SER D 51 -10.23 16.76 37.14
CA SER D 51 -9.45 17.41 36.12
C SER D 51 -8.00 17.62 36.55
N GLU D 52 -7.84 18.00 37.82
CA GLU D 52 -6.56 18.34 38.39
C GLU D 52 -5.62 17.14 38.32
N LEU D 53 -6.11 16.00 38.80
CA LEU D 53 -5.32 14.76 38.83
C LEU D 53 -5.11 14.19 37.44
N SER D 54 -6.19 14.25 36.68
CA SER D 54 -6.20 13.69 35.33
C SER D 54 -5.20 14.41 34.45
N THR D 55 -5.10 15.73 34.63
CA THR D 55 -4.14 16.54 33.98
C THR D 55 -2.72 16.03 34.21
N LYS D 56 -2.41 15.75 35.48
CA LYS D 56 -1.06 15.34 35.82
C LYS D 56 -0.78 13.99 35.20
N ALA D 57 -1.83 13.11 35.27
CA ALA D 57 -1.71 11.73 34.85
C ALA D 57 -1.35 11.64 33.39
N ILE D 58 -1.98 12.49 32.57
CA ILE D 58 -1.66 12.60 31.16
C ILE D 58 -0.19 13.01 31.00
N ALA D 59 0.23 13.95 31.83
CA ALA D 59 1.52 14.53 31.64
C ALA D 59 2.56 13.46 31.86
N ASN D 60 2.30 12.60 32.81
CA ASN D 60 3.17 11.46 33.11
C ASN D 60 3.13 10.42 32.01
N VAL D 61 2.00 10.26 31.33
CA VAL D 61 1.94 9.43 30.15
C VAL D 61 2.83 9.98 29.06
N VAL D 62 2.85 11.32 28.92
CA VAL D 62 3.69 11.96 27.91
C VAL D 62 5.16 11.69 28.23
N ASP D 63 5.50 11.81 29.51
CA ASP D 63 6.86 11.55 29.98
C ASP D 63 7.21 10.10 29.64
N PHE D 64 6.26 9.21 29.91
CA PHE D 64 6.47 7.79 29.70
C PHE D 64 6.74 7.56 28.24
N GLY D 65 5.89 8.18 27.40
CA GLY D 65 6.08 8.12 25.97
C GLY D 65 7.50 8.59 25.65
N LYS D 66 7.87 9.72 26.26
CA LYS D 66 9.11 10.36 26.00
C LYS D 66 10.32 9.46 26.19
N GLN D 67 10.36 8.74 27.30
CA GLN D 67 11.55 7.96 27.68
C GLN D 67 11.82 6.81 26.72
N VAL D 68 10.76 6.33 26.13
CA VAL D 68 10.75 5.02 25.57
C VAL D 68 11.61 4.96 24.27
N PRO D 69 12.23 3.76 24.02
CA PRO D 69 12.82 3.46 22.75
C PRO D 69 11.79 3.59 21.65
N VAL D 70 12.28 3.73 20.43
CA VAL D 70 11.52 3.45 19.19
C VAL D 70 10.28 4.31 19.03
N PHE D 71 9.56 4.52 20.13
CA PHE D 71 8.46 5.44 20.15
C PHE D 71 8.91 6.82 19.76
N THR D 72 10.00 7.26 20.40
CA THR D 72 10.64 8.55 20.02
C THR D 72 11.07 8.50 18.55
N GLN D 73 11.43 7.29 18.09
CA GLN D 73 11.79 7.03 16.73
C GLN D 73 10.73 7.44 15.71
N LEU D 74 9.46 7.37 16.10
CA LEU D 74 8.39 7.76 15.24
C LEU D 74 8.29 9.25 15.02
N SER D 75 7.76 9.62 13.86
CA SER D 75 7.58 11.02 13.52
C SER D 75 6.69 11.71 14.57
N THR D 76 6.90 13.01 14.72
CA THR D 76 6.31 13.82 15.77
C THR D 76 4.79 13.72 15.71
N ASN D 77 4.23 13.74 14.50
CA ASN D 77 2.80 13.67 14.28
C ASN D 77 2.21 12.36 14.77
N ASP D 78 2.89 11.27 14.40
CA ASP D 78 2.56 9.94 14.78
C ASP D 78 2.56 9.83 16.31
N GLN D 79 3.59 10.39 16.93
CA GLN D 79 3.66 10.45 18.37
C GLN D 79 2.48 11.18 18.96
N ILE D 80 2.09 12.29 18.38
CA ILE D 80 1.00 13.15 18.92
C ILE D 80 -0.33 12.38 18.86
N THR D 81 -0.60 11.78 17.70
CA THR D 81 -1.81 11.09 17.41
C THR D 81 -1.97 9.90 18.38
N LEU D 82 -0.86 9.15 18.60
CA LEU D 82 -0.81 7.96 19.38
C LEU D 82 -1.03 8.28 20.83
N LEU D 83 -0.46 9.37 21.33
CA LEU D 83 -0.68 9.70 22.74
C LEU D 83 -2.14 10.10 23.03
N LYS D 84 -2.72 10.87 22.12
CA LYS D 84 -4.08 11.31 22.31
C LYS D 84 -4.99 10.10 22.35
N ALA D 85 -4.76 9.13 21.46
CA ALA D 85 -5.62 7.97 21.34
C ALA D 85 -5.60 7.06 22.59
N ALA D 86 -4.42 6.94 23.21
CA ALA D 86 -4.12 6.00 24.26
C ALA D 86 -4.14 6.57 25.64
N CYS D 87 -4.24 7.86 25.74
CA CYS D 87 -4.03 8.56 27.01
C CYS D 87 -4.98 8.11 28.11
N LEU D 88 -6.25 8.08 27.74
CA LEU D 88 -7.28 7.64 28.65
C LEU D 88 -7.04 6.16 29.03
N GLU D 89 -6.57 5.37 28.07
CA GLU D 89 -6.37 3.97 28.29
C GLU D 89 -5.25 3.75 29.28
N ILE D 90 -4.06 4.35 29.08
CA ILE D 90 -2.96 4.11 29.96
C ILE D 90 -3.26 4.57 31.39
N ILE D 91 -3.99 5.66 31.52
CA ILE D 91 -4.37 6.18 32.84
C ILE D 91 -5.22 5.23 33.63
N ILE D 92 -6.17 4.63 32.96
CA ILE D 92 -7.02 3.66 33.63
C ILE D 92 -6.16 2.47 34.00
N LEU D 93 -5.32 2.01 33.07
CA LEU D 93 -4.50 0.83 33.34
C LEU D 93 -3.61 1.09 34.56
N ARG D 94 -3.00 2.28 34.60
CA ARG D 94 -2.15 2.66 35.65
C ARG D 94 -2.89 2.72 36.96
N LEU D 95 -4.09 3.30 36.92
CA LEU D 95 -4.90 3.40 38.11
C LEU D 95 -5.17 1.98 38.64
N ALA D 96 -5.19 1.04 37.69
CA ALA D 96 -5.45 -0.34 38.00
C ALA D 96 -4.34 -0.95 38.83
N SER D 97 -3.11 -0.56 38.53
CA SER D 97 -1.98 -1.10 39.26
C SER D 97 -2.10 -0.83 40.77
N ARG D 98 -2.80 0.25 41.13
CA ARG D 98 -2.82 0.74 42.50
C ARG D 98 -4.11 0.32 43.21
N TYR D 99 -4.92 -0.50 42.55
CA TYR D 99 -6.10 -1.09 43.19
C TYR D 99 -5.64 -1.95 44.35
N ASP D 100 -6.31 -1.80 45.49
CA ASP D 100 -5.92 -2.58 46.66
C ASP D 100 -6.99 -3.57 46.95
N ASP D 101 -6.67 -4.83 46.71
CA ASP D 101 -7.54 -5.93 46.89
C ASP D 101 -8.02 -6.03 48.32
N LYS D 102 -7.07 -5.87 49.25
CA LYS D 102 -7.28 -5.90 50.69
C LYS D 102 -8.30 -4.87 51.13
N GLU D 103 -8.01 -3.60 50.80
CA GLU D 103 -8.74 -2.47 51.30
C GLU D 103 -9.94 -2.06 50.45
N ASP D 104 -10.11 -2.66 49.26
CA ASP D 104 -11.26 -2.34 48.38
C ASP D 104 -11.15 -0.92 47.80
N THR D 105 -9.95 -0.46 47.48
CA THR D 105 -9.69 0.93 47.13
C THR D 105 -8.98 1.16 45.82
N MET D 106 -8.92 2.42 45.37
CA MET D 106 -7.98 2.87 44.34
C MET D 106 -7.16 4.01 44.82
N SER D 107 -6.04 4.30 44.16
CA SER D 107 -5.15 5.38 44.64
C SER D 107 -4.58 6.24 43.56
N PHE D 108 -4.37 7.53 43.81
CA PHE D 108 -3.90 8.41 42.73
C PHE D 108 -2.46 8.78 43.01
N SER D 109 -1.78 9.31 42.01
CA SER D 109 -0.34 9.59 42.14
C SER D 109 -0.06 10.55 43.28
N ASN D 110 -1.04 11.43 43.57
CA ASN D 110 -0.99 12.25 44.75
C ASN D 110 -0.75 11.44 46.05
N GLY D 111 -1.42 10.29 46.17
CA GLY D 111 -1.45 9.50 47.36
C GLY D 111 -2.87 9.19 47.81
N LEU D 112 -3.84 9.95 47.33
CA LEU D 112 -5.21 9.84 47.86
C LEU D 112 -5.77 8.45 47.58
N THR D 113 -6.55 7.93 48.54
CA THR D 113 -7.14 6.58 48.42
C THR D 113 -8.61 6.63 48.73
N LEU D 114 -9.46 5.94 47.94
CA LEU D 114 -10.91 6.02 48.17
C LEU D 114 -11.60 4.68 48.13
N THR D 115 -12.60 4.49 48.96
CA THR D 115 -13.49 3.33 48.81
C THR D 115 -14.06 3.35 47.39
N GLN D 116 -14.44 2.18 46.94
CA GLN D 116 -15.29 2.05 45.77
C GLN D 116 -16.59 2.76 46.09
N GLN D 117 -17.12 2.57 47.31
CA GLN D 117 -18.38 3.24 47.82
C GLN D 117 -18.28 4.79 47.70
N GLN D 118 -17.11 5.30 48.06
CA GLN D 118 -16.77 6.67 47.89
C GLN D 118 -16.71 7.03 46.46
N LEU D 119 -16.01 6.21 45.67
CA LEU D 119 -15.87 6.44 44.23
C LEU D 119 -17.24 6.31 43.55
N GLU D 120 -18.10 5.50 44.18
CA GLU D 120 -19.42 5.22 43.71
C GLU D 120 -20.21 6.50 43.72
N VAL D 121 -20.08 7.25 44.82
CA VAL D 121 -20.70 8.56 44.97
C VAL D 121 -20.04 9.58 44.05
N GLY D 122 -18.72 9.54 43.94
CA GLY D 122 -17.95 10.65 43.40
C GLY D 122 -17.69 10.59 41.92
N GLY D 123 -16.40 10.57 41.54
CA GLY D 123 -16.00 10.58 40.12
C GLY D 123 -16.64 9.53 39.20
N PHE D 124 -16.65 8.29 39.67
CA PHE D 124 -16.94 7.20 38.75
C PHE D 124 -18.41 7.00 38.46
N GLY D 125 -19.26 7.21 39.45
CA GLY D 125 -20.69 6.88 39.36
C GLY D 125 -20.97 5.44 38.95
N THR D 126 -21.63 5.29 37.80
CA THR D 126 -21.92 3.99 37.25
C THR D 126 -20.71 3.26 36.65
N LEU D 127 -19.63 3.99 36.40
CA LEU D 127 -18.42 3.38 35.87
C LEU D 127 -17.66 2.50 36.87
N THR D 128 -17.85 2.83 38.16
CA THR D 128 -17.14 2.20 39.26
C THR D 128 -17.19 0.70 39.31
N PRO D 129 -18.38 0.08 39.29
CA PRO D 129 -18.34 -1.39 39.39
C PRO D 129 -17.51 -2.02 38.27
N THR D 130 -17.66 -1.53 37.04
CA THR D 130 -16.94 -2.03 35.92
C THR D 130 -15.45 -1.73 35.96
N ILE D 131 -15.05 -0.61 36.54
CA ILE D 131 -13.58 -0.33 36.69
C ILE D 131 -12.96 -1.28 37.68
N PHE D 132 -13.66 -1.51 38.79
CA PHE D 132 -13.16 -2.36 39.85
C PHE D 132 -13.10 -3.81 39.41
N LYS D 133 -14.06 -4.22 38.58
CA LYS D 133 -14.05 -5.58 38.08
C LYS D 133 -12.79 -5.79 37.28
N PHE D 134 -12.49 -4.83 36.39
CA PHE D 134 -11.36 -4.89 35.51
C PHE D 134 -10.10 -4.99 36.31
N ALA D 135 -9.98 -4.12 37.30
CA ALA D 135 -8.78 -4.11 38.12
C ALA D 135 -8.61 -5.41 38.88
N ARG D 136 -9.75 -6.01 39.28
CA ARG D 136 -9.77 -7.22 40.01
C ARG D 136 -9.22 -8.37 39.23
N SER D 137 -9.65 -8.50 37.99
CA SER D 137 -9.12 -9.55 37.08
C SER D 137 -7.63 -9.37 36.85
N LEU D 138 -7.10 -8.15 36.88
CA LEU D 138 -5.69 -7.94 36.85
C LEU D 138 -4.93 -8.54 38.03
N VAL D 139 -5.46 -8.39 39.21
CA VAL D 139 -4.82 -8.98 40.40
C VAL D 139 -4.86 -10.54 40.35
N GLU D 140 -5.95 -11.10 39.84
CA GLU D 140 -6.07 -12.54 39.63
C GLU D 140 -4.94 -13.10 38.76
N LEU D 141 -4.56 -12.32 37.73
CA LEU D 141 -3.56 -12.77 36.82
C LEU D 141 -2.19 -12.46 37.30
N SER D 142 -2.10 -11.99 38.56
CA SER D 142 -0.83 -11.63 39.21
C SER D 142 -0.04 -10.77 38.26
N VAL D 143 -0.74 -9.82 37.62
CA VAL D 143 -0.08 -8.92 36.71
C VAL D 143 0.97 -8.06 37.47
N ASP D 144 2.21 -8.12 37.03
CA ASP D 144 3.26 -7.40 37.71
C ASP D 144 3.62 -6.06 37.01
N THR D 145 4.51 -5.28 37.63
CA THR D 145 4.75 -3.96 37.17
C THR D 145 5.23 -3.94 35.74
N ALA D 146 6.19 -4.82 35.40
CA ALA D 146 6.71 -4.88 34.05
C ALA D 146 5.62 -5.21 33.02
N GLU D 147 4.72 -6.13 33.37
CA GLU D 147 3.61 -6.47 32.49
C GLU D 147 2.71 -5.26 32.26
N TYR D 148 2.48 -4.47 33.29
CA TYR D 148 1.77 -3.20 33.12
C TYR D 148 2.51 -2.24 32.19
N ALA D 149 3.82 -2.13 32.32
CA ALA D 149 4.55 -1.21 31.44
C ALA D 149 4.34 -1.65 30.01
N MET D 150 4.49 -2.97 29.77
CA MET D 150 4.43 -3.49 28.43
C MET D 150 3.07 -3.38 27.82
N LEU D 151 2.05 -3.47 28.64
CA LEU D 151 0.67 -3.19 28.19
C LEU D 151 0.51 -1.76 27.73
N SER D 152 1.13 -0.87 28.47
CA SER D 152 1.08 0.55 28.10
C SER D 152 1.74 0.78 26.76
N LEU D 153 2.94 0.26 26.54
CA LEU D 153 3.68 0.55 25.32
C LEU D 153 3.01 -0.03 24.11
N ILE D 154 2.44 -1.24 24.27
CA ILE D 154 1.78 -1.93 23.16
C ILE D 154 0.50 -1.12 22.86
N CYS D 155 -0.11 -0.61 23.94
CA CYS D 155 -1.28 0.17 23.87
C CYS D 155 -0.99 1.47 23.11
N LEU D 156 0.13 2.11 23.43
CA LEU D 156 0.52 3.36 22.88
C LEU D 156 0.78 3.19 21.41
N ILE D 157 1.66 2.23 21.06
CA ILE D 157 2.13 2.04 19.73
C ILE D 157 1.15 1.12 19.00
N SER D 158 -0.07 1.63 18.90
CA SER D 158 -1.16 0.96 18.24
C SER D 158 -1.33 1.43 16.79
N GLY D 159 -1.35 0.52 15.85
CA GLY D 159 -1.37 0.87 14.43
C GLY D 159 -2.75 1.17 13.91
N ASP D 160 -3.78 0.97 14.72
CA ASP D 160 -5.17 1.08 14.27
C ASP D 160 -5.93 2.38 14.74
N ARG D 161 -5.17 3.37 15.16
CA ARG D 161 -5.72 4.67 15.54
C ARG D 161 -5.98 5.42 14.25
N SER D 162 -7.01 6.28 14.28
CA SER D 162 -7.28 7.28 13.23
C SER D 162 -6.11 8.29 13.03
N GLY D 163 -5.77 8.54 11.77
CA GLY D 163 -4.92 9.65 11.44
C GLY D 163 -3.46 9.42 11.45
N LEU D 164 -2.99 8.17 11.43
CA LEU D 164 -1.55 7.96 11.45
C LEU D 164 -0.90 8.15 10.10
N GLU D 165 0.25 8.82 10.08
CA GLU D 165 0.94 9.11 8.82
C GLU D 165 1.43 7.88 8.14
N HIS D 166 2.02 6.97 8.90
CA HIS D 166 2.41 5.63 8.38
C HIS D 166 2.07 4.67 9.48
N PRO D 167 0.86 4.09 9.43
CA PRO D 167 0.53 3.07 10.42
C PRO D 167 1.45 1.85 10.31
N GLU D 168 1.84 1.48 9.08
CA GLU D 168 2.60 0.26 8.81
C GLU D 168 3.95 0.26 9.55
N LYS D 169 4.60 1.43 9.60
CA LYS D 169 5.74 1.64 10.45
C LYS D 169 5.42 1.43 11.91
N VAL D 170 4.31 2.01 12.37
CA VAL D 170 4.01 2.04 13.81
C VAL D 170 3.92 0.60 14.30
N GLU D 171 3.27 -0.22 13.45
CA GLU D 171 2.97 -1.59 13.82
C GLU D 171 4.18 -2.45 13.89
N GLN D 172 5.13 -2.22 12.98
CA GLN D 172 6.43 -2.94 13.02
C GLN D 172 7.01 -2.78 14.41
N LYS D 173 6.92 -1.56 14.89
CA LYS D 173 7.44 -1.23 16.18
C LYS D 173 6.72 -1.94 17.33
N GLN D 174 5.45 -2.26 17.13
CA GLN D 174 4.69 -3.04 18.09
C GLN D 174 5.16 -4.49 18.20
N GLU D 175 5.49 -5.07 17.05
CA GLU D 175 5.86 -6.48 16.91
C GLU D 175 6.90 -7.04 17.90
N PRO D 176 8.05 -6.34 18.12
CA PRO D 176 8.96 -6.94 19.11
C PRO D 176 8.36 -7.01 20.51
N ILE D 177 7.58 -6.00 20.88
CA ILE D 177 7.05 -5.87 22.25
C ILE D 177 6.08 -6.97 22.57
N LEU D 178 5.30 -7.35 21.56
CA LEU D 178 4.35 -8.45 21.79
C LEU D 178 5.06 -9.77 22.07
N GLU D 179 6.08 -10.08 21.25
CA GLU D 179 6.84 -11.28 21.41
C GLU D 179 7.56 -11.29 22.76
N THR D 180 8.13 -10.14 23.09
CA THR D 180 8.82 -9.92 24.36
C THR D 180 7.91 -10.11 25.54
N LEU D 181 6.65 -9.60 25.43
CA LEU D 181 5.71 -9.73 26.51
C LEU D 181 5.38 -11.21 26.68
N LYS D 182 5.29 -11.92 25.56
CA LYS D 182 4.88 -13.32 25.57
C LYS D 182 5.89 -14.14 26.31
N HIS D 183 7.17 -13.95 25.94
CA HIS D 183 8.24 -14.70 26.52
C HIS D 183 8.35 -14.39 28.00
N TYR D 184 8.16 -13.12 28.37
CA TYR D 184 8.28 -12.73 29.75
C TYR D 184 7.19 -13.40 30.57
N VAL D 185 5.96 -13.39 30.04
CA VAL D 185 4.82 -13.87 30.77
C VAL D 185 4.99 -15.37 31.08
N ARG D 186 5.42 -16.10 30.05
CA ARG D 186 5.66 -17.54 30.22
C ARG D 186 6.76 -17.84 31.23
N LYS D 187 7.81 -17.02 31.29
CA LYS D 187 8.90 -17.14 32.25
C LYS D 187 8.35 -17.12 33.67
N ARG D 188 7.44 -16.18 33.94
CA ARG D 188 6.77 -16.13 35.22
C ARG D 188 5.70 -17.21 35.39
N ARG D 189 5.10 -17.68 34.29
CA ARG D 189 4.02 -18.65 34.41
C ARG D 189 4.19 -19.82 33.46
N PRO D 190 5.15 -20.74 33.78
CA PRO D 190 5.31 -21.93 32.95
C PRO D 190 4.08 -22.82 32.94
N ASP D 191 3.38 -22.90 34.04
CA ASP D 191 2.14 -23.68 34.11
C ASP D 191 0.99 -23.20 33.23
N SER D 192 0.77 -21.90 33.19
CA SER D 192 -0.49 -21.38 32.62
C SER D 192 -0.28 -20.89 31.20
N PRO D 193 -0.79 -21.69 30.25
CA PRO D 193 -0.55 -21.38 28.85
C PRO D 193 -1.59 -20.40 28.27
N HIS D 194 -2.73 -20.23 28.95
CA HIS D 194 -3.79 -19.33 28.56
C HIS D 194 -3.49 -17.85 29.00
N SER D 195 -2.36 -17.63 29.68
CA SER D 195 -2.04 -16.38 30.28
C SER D 195 -1.71 -15.26 29.34
N PHE D 196 -0.93 -15.49 28.28
CA PHE D 196 -0.60 -14.42 27.35
C PHE D 196 -1.88 -13.77 26.75
N ALA D 197 -2.80 -14.66 26.30
CA ALA D 197 -3.99 -14.24 25.60
C ALA D 197 -4.89 -13.41 26.50
N LYS D 198 -4.96 -13.79 27.75
CA LYS D 198 -5.80 -13.14 28.77
C LYS D 198 -5.32 -11.74 29.02
N LEU D 199 -4.03 -11.49 28.98
CA LEU D 199 -3.49 -10.13 29.07
C LEU D 199 -3.86 -9.28 27.90
N LEU D 200 -3.67 -9.81 26.70
CA LEU D 200 -3.95 -9.00 25.51
C LEU D 200 -5.42 -8.73 25.37
N LEU D 201 -6.24 -9.59 25.99
CA LEU D 201 -7.65 -9.37 26.03
C LEU D 201 -8.04 -8.30 27.00
N LYS D 202 -7.16 -8.00 27.94
CA LYS D 202 -7.44 -6.91 28.85
C LYS D 202 -7.40 -5.57 28.11
N LEU D 203 -6.57 -5.49 27.07
CA LEU D 203 -6.56 -4.30 26.28
C LEU D 203 -7.86 -4.06 25.56
N THR D 204 -8.53 -5.16 25.16
CA THR D 204 -9.86 -5.10 24.59
C THR D 204 -10.89 -4.58 25.59
N ASP D 205 -10.69 -4.99 26.85
CA ASP D 205 -11.46 -4.50 27.95
C ASP D 205 -11.30 -2.99 28.07
N LEU D 206 -10.08 -2.52 28.09
CA LEU D 206 -9.78 -1.11 28.26
C LEU D 206 -10.41 -0.17 27.26
N ARG D 207 -10.40 -0.54 25.96
CA ARG D 207 -10.98 0.35 24.93
C ARG D 207 -12.45 0.59 25.20
N SER D 208 -13.20 -0.50 25.45
CA SER D 208 -14.60 -0.40 25.81
C SER D 208 -14.75 0.37 27.12
N LEU D 209 -13.82 0.14 28.02
CA LEU D 209 -13.83 0.84 29.26
C LEU D 209 -13.47 2.30 29.10
N SER D 210 -12.58 2.66 28.22
CA SER D 210 -12.19 4.06 28.11
C SER D 210 -13.32 4.91 27.56
N VAL D 211 -14.11 4.34 26.64
CA VAL D 211 -15.26 5.01 26.08
C VAL D 211 -16.26 5.40 27.15
N LYS D 212 -16.57 4.42 27.98
CA LYS D 212 -17.51 4.59 29.06
C LYS D 212 -16.96 5.63 30.05
N GLY D 213 -15.65 5.59 30.27
CA GLY D 213 -15.00 6.60 31.09
C GLY D 213 -15.02 7.96 30.47
N ALA D 214 -14.87 8.04 29.16
CA ALA D 214 -14.89 9.31 28.45
C ALA D 214 -16.29 9.89 28.56
N GLU D 215 -17.29 9.04 28.45
CA GLU D 215 -18.67 9.47 28.55
C GLU D 215 -18.85 10.15 29.89
N ARG D 216 -18.22 9.59 30.89
CA ARG D 216 -18.36 10.11 32.24
C ARG D 216 -17.70 11.45 32.39
N VAL D 217 -16.59 11.73 31.68
CA VAL D 217 -15.98 13.06 31.74
C VAL D 217 -16.97 14.13 31.21
N LEU D 218 -17.62 13.78 30.12
CA LEU D 218 -18.58 14.65 29.50
C LEU D 218 -19.77 14.90 30.39
N GLN D 219 -20.34 13.82 30.92
CA GLN D 219 -21.56 13.81 31.72
C GLN D 219 -21.33 14.70 32.93
N LEU D 220 -20.09 14.62 33.47
CA LEU D 220 -19.62 15.58 34.44
C LEU D 220 -19.44 16.99 33.84
N ARG D 221 -18.96 17.05 32.60
CA ARG D 221 -18.67 18.28 31.95
C ARG D 221 -19.93 19.09 31.68
N MET D 222 -21.01 18.41 31.29
CA MET D 222 -22.26 19.07 30.96
C MET D 222 -22.83 19.85 32.15
N GLU D 223 -22.35 19.55 33.34
CA GLU D 223 -22.84 20.12 34.58
C GLU D 223 -22.20 21.49 34.78
N MET D 224 -21.26 21.85 33.90
CA MET D 224 -20.59 23.10 33.99
C MET D 224 -20.60 23.86 32.68
N PRO D 225 -21.80 24.24 32.20
CA PRO D 225 -21.92 24.75 30.82
C PRO D 225 -21.18 26.09 30.61
N GLY D 226 -21.05 26.87 31.68
CA GLY D 226 -20.37 28.15 31.64
C GLY D 226 -18.99 28.10 31.09
N GLU D 227 -18.25 27.00 31.31
CA GLU D 227 -16.85 26.92 30.83
C GLU D 227 -16.73 26.33 29.41
N LEU D 228 -17.85 26.02 28.81
CA LEU D 228 -17.89 25.21 27.62
C LEU D 228 -17.58 25.85 26.32
N PRO D 229 -18.07 27.11 26.07
CA PRO D 229 -17.88 27.61 24.72
C PRO D 229 -16.45 27.60 24.13
N PRO D 230 -15.39 27.90 24.94
CA PRO D 230 -14.07 27.84 24.25
C PRO D 230 -13.60 26.40 23.93
N LEU D 231 -14.14 25.43 24.64
CA LEU D 231 -14.01 24.01 24.38
C LEU D 231 -14.62 23.42 23.11
N ILE D 232 -15.91 23.65 22.91
CA ILE D 232 -16.73 22.81 22.02
C ILE D 232 -16.16 22.72 20.58
N LEU D 233 -15.29 23.65 20.25
CA LEU D 233 -14.54 23.65 19.04
C LEU D 233 -13.79 22.32 18.86
N GLU D 234 -13.19 21.84 19.93
CA GLU D 234 -12.38 20.66 19.93
C GLU D 234 -13.20 19.40 19.64
N MET D 235 -14.41 19.36 20.17
CA MET D 235 -15.29 18.26 19.98
C MET D 235 -15.69 17.93 18.54
N LEU D 236 -15.54 18.86 17.58
CA LEU D 236 -16.03 18.62 16.25
C LEU D 236 -15.36 17.44 15.58
N ASP D 237 -16.09 16.81 14.65
CA ASP D 237 -15.65 15.66 13.82
C ASP D 237 -16.30 14.27 14.12
#